data_3NPF
#
_entry.id   3NPF
#
_cell.length_a   60.136
_cell.length_b   62.495
_cell.length_c   156.809
_cell.angle_alpha   90.000
_cell.angle_beta   90.000
_cell.angle_gamma   90.000
#
_symmetry.space_group_name_H-M   'P 21 21 21'
#
loop_
_entity.id
_entity.type
_entity.pdbx_description
1 polymer 'putative dipeptidyl-peptidase VI'
2 non-polymer 'CHLORIDE ION'
3 non-polymer GLYCEROL
4 water water
#
_entity_poly.entity_id   1
_entity_poly.type   'polypeptide(L)'
_entity_poly.pdbx_seq_one_letter_code
;GQEIRP(MSE)PADSAYGVVHISVCNLREEGKFTSG(MSE)STQALLG(MSE)PVKVLQYNGWYEIQTPDDYTGWVHR
(MSE)VITP(MSE)SKERYDEWNRAEKIVVTSHYGFAYEKPDESSQPVSDVVAGNRLKWEGSKGHFYQVSYPDGRKAYLS
KSISQPEAGWRASLKQDVESIIETAYS(MSE)(MSE)GIPYLWAGTSSKGVD(CSA)SGLVRTVLF(MSE)HDIIIPRDA
SQQAYVGEHIDIAPDFSNVKRGDLVFFGRKATAERKEGISHVGIYLGNKQFIHALGDVHVSS(MSE)NPADQNYDEFNTK
RLLFAVRFLPYINKEKG(MSE)NTTNKNPFYQ
;
_entity_poly.pdbx_strand_id   A,B
#
loop_
_chem_comp.id
_chem_comp.type
_chem_comp.name
_chem_comp.formula
CL non-polymer 'CHLORIDE ION' 'Cl -1'
GOL non-polymer GLYCEROL 'C3 H8 O3'
#
# COMPACT_ATOMS: atom_id res chain seq x y z
N GLN A 2 28.50 -5.19 -0.35
CA GLN A 2 29.28 -5.67 0.83
C GLN A 2 28.74 -7.00 1.39
N GLU A 3 29.38 -7.50 2.46
CA GLU A 3 28.75 -8.46 3.38
C GLU A 3 29.24 -8.13 4.80
N ILE A 4 28.50 -7.25 5.48
CA ILE A 4 28.78 -6.84 6.87
C ILE A 4 27.86 -7.60 7.85
N ARG A 5 28.47 -8.40 8.73
CA ARG A 5 27.73 -9.21 9.71
C ARG A 5 28.66 -9.61 10.90
N PRO A 6 28.25 -9.32 12.14
CA PRO A 6 27.11 -8.47 12.47
C PRO A 6 27.44 -7.01 12.11
N MSE A 7 26.51 -6.10 12.39
CA MSE A 7 26.76 -4.69 12.13
C MSE A 7 27.72 -4.13 13.17
O MSE A 7 27.71 -4.57 14.32
CB MSE A 7 25.48 -3.88 12.18
CG MSE A 7 24.46 -4.29 11.18
SE MSE A 7 25.06 -4.11 9.35
CE MSE A 7 25.26 -2.16 9.27
N PRO A 8 28.54 -3.15 12.77
CA PRO A 8 29.26 -2.38 13.77
C PRO A 8 28.31 -1.68 14.75
N ALA A 9 28.78 -1.38 15.95
CA ALA A 9 27.95 -0.75 16.99
C ALA A 9 27.23 0.53 16.51
N ASP A 10 27.91 1.33 15.67
CA ASP A 10 27.32 2.59 15.15
C ASP A 10 26.17 2.42 14.14
N SER A 11 25.91 1.18 13.73
CA SER A 11 24.86 0.88 12.78
CA SER A 11 24.85 0.89 12.79
C SER A 11 24.06 -0.38 13.15
N ALA A 12 24.08 -0.75 14.44
CA ALA A 12 23.41 -1.99 14.95
C ALA A 12 21.92 -1.79 15.21
N TYR A 13 21.47 -0.54 15.20
CA TYR A 13 20.10 -0.21 15.49
C TYR A 13 19.59 0.67 14.35
N GLY A 14 18.27 0.77 14.27
CA GLY A 14 17.65 1.62 13.27
C GLY A 14 16.26 2.05 13.56
N VAL A 15 15.78 3.03 12.79
CA VAL A 15 14.38 3.46 12.83
C VAL A 15 13.86 3.61 11.40
N VAL A 16 12.65 3.09 11.18
CA VAL A 16 12.00 3.17 9.87
C VAL A 16 11.63 4.64 9.64
N HIS A 17 11.98 5.18 8.47
CA HIS A 17 11.71 6.61 8.19
C HIS A 17 10.80 6.88 6.96
N ILE A 18 10.09 5.86 6.47
CA ILE A 18 8.99 6.03 5.52
C ILE A 18 7.69 5.49 6.17
N SER A 19 6.55 5.85 5.60
CA SER A 19 5.25 5.46 6.21
C SER A 19 5.15 3.96 6.49
N VAL A 20 5.43 3.17 5.47
CA VAL A 20 5.39 1.71 5.49
C VAL A 20 6.57 1.19 4.66
N CYS A 21 7.43 0.41 5.30
CA CYS A 21 8.55 -0.25 4.62
C CYS A 21 8.28 -1.74 4.46
N ASN A 22 8.89 -2.31 3.43
CA ASN A 22 8.54 -3.62 2.93
C ASN A 22 9.67 -4.62 3.14
N LEU A 23 9.50 -5.49 4.13
CA LEU A 23 10.52 -6.50 4.44
C LEU A 23 10.30 -7.70 3.53
N ARG A 24 11.39 -8.18 2.98
CA ARG A 24 11.40 -9.33 2.05
C ARG A 24 12.23 -10.49 2.57
N GLU A 25 11.99 -11.67 2.01
CA GLU A 25 12.67 -12.90 2.47
CA GLU A 25 12.65 -12.90 2.47
C GLU A 25 14.18 -12.88 2.24
N GLU A 26 14.61 -12.20 1.19
CA GLU A 26 16.03 -11.94 0.89
C GLU A 26 16.18 -10.49 0.49
N GLY A 27 17.44 -10.03 0.42
CA GLY A 27 17.78 -8.65 0.07
C GLY A 27 17.70 -8.33 -1.42
N LYS A 28 16.50 -8.50 -1.96
CA LYS A 28 16.26 -8.23 -3.36
C LYS A 28 14.77 -8.10 -3.61
N PHE A 29 14.43 -7.24 -4.56
CA PHE A 29 13.03 -7.01 -4.91
C PHE A 29 12.32 -8.24 -5.42
N THR A 30 13.04 -9.12 -6.11
CA THR A 30 12.45 -10.34 -6.66
C THR A 30 12.31 -11.49 -5.63
N SER A 31 12.32 -11.15 -4.34
CA SER A 31 12.05 -12.04 -3.23
CA SER A 31 11.99 -12.11 -3.30
C SER A 31 10.69 -11.67 -2.65
N GLY A 32 9.95 -12.64 -2.11
CA GLY A 32 8.64 -12.30 -1.57
C GLY A 32 8.68 -11.37 -0.37
N MSE A 33 7.67 -10.50 -0.29
CA MSE A 33 7.45 -9.71 0.91
C MSE A 33 7.02 -10.63 2.06
O MSE A 33 6.29 -11.59 1.84
CB MSE A 33 6.43 -8.62 0.65
CG MSE A 33 6.52 -7.48 1.64
SE MSE A 33 5.42 -5.90 1.24
CE MSE A 33 3.69 -6.54 1.88
N SER A 34 7.51 -10.35 3.26
CA SER A 34 7.24 -11.20 4.42
C SER A 34 6.52 -10.49 5.54
N THR A 35 6.76 -9.18 5.67
CA THR A 35 6.08 -8.34 6.62
C THR A 35 6.36 -6.88 6.27
N GLN A 36 5.79 -5.95 7.04
CA GLN A 36 6.03 -4.54 6.91
C GLN A 36 6.19 -3.87 8.27
N ALA A 37 6.95 -2.79 8.28
CA ALA A 37 7.16 -1.97 9.46
C ALA A 37 6.78 -0.53 9.17
N LEU A 38 6.62 0.26 10.23
CA LEU A 38 6.01 1.59 10.12
C LEU A 38 6.96 2.71 10.50
N LEU A 39 6.69 3.88 9.94
CA LEU A 39 7.41 5.12 10.26
C LEU A 39 7.55 5.29 11.77
N GLY A 40 8.78 5.49 12.21
CA GLY A 40 9.11 5.73 13.62
C GLY A 40 9.36 4.48 14.43
N MSE A 41 9.18 3.31 13.80
CA MSE A 41 9.30 2.04 14.51
C MSE A 41 10.76 1.66 14.68
O MSE A 41 11.54 1.71 13.71
CB MSE A 41 8.55 0.93 13.76
CG MSE A 41 8.53 -0.39 14.44
SE MSE A 41 7.20 -1.55 13.58
CE MSE A 41 5.57 -0.78 14.28
N PRO A 42 11.15 1.28 15.92
CA PRO A 42 12.53 0.91 16.18
C PRO A 42 12.79 -0.49 15.70
N VAL A 43 13.98 -0.73 15.18
CA VAL A 43 14.39 -2.04 14.70
C VAL A 43 15.84 -2.31 15.08
N LYS A 44 16.19 -3.59 15.11
CA LYS A 44 17.58 -4.02 15.18
C LYS A 44 18.08 -4.27 13.77
N VAL A 45 19.34 -3.93 13.51
CA VAL A 45 19.96 -4.13 12.21
C VAL A 45 20.96 -5.27 12.34
N LEU A 46 20.71 -6.35 11.60
CA LEU A 46 21.43 -7.60 11.80
C LEU A 46 22.63 -7.78 10.88
N GLN A 47 22.50 -7.35 9.63
CA GLN A 47 23.59 -7.42 8.67
C GLN A 47 23.28 -6.56 7.47
N TYR A 48 24.29 -6.35 6.63
CA TYR A 48 24.17 -5.59 5.38
C TYR A 48 24.87 -6.32 4.23
N ASN A 49 24.18 -6.46 3.09
CA ASN A 49 24.81 -6.99 1.88
C ASN A 49 24.51 -6.14 0.63
N GLY A 50 24.15 -4.88 0.86
CA GLY A 50 23.52 -4.03 -0.14
C GLY A 50 22.11 -3.66 0.28
N TRP A 51 21.44 -4.63 0.91
CA TRP A 51 20.20 -4.41 1.65
C TRP A 51 20.49 -4.65 3.15
N TYR A 52 19.62 -4.15 4.06
CA TYR A 52 19.75 -4.44 5.49
C TYR A 52 18.84 -5.60 5.86
N GLU A 53 19.34 -6.54 6.66
CA GLU A 53 18.48 -7.48 7.35
C GLU A 53 18.17 -6.85 8.69
N ILE A 54 16.88 -6.76 9.01
CA ILE A 54 16.41 -6.10 10.22
C ILE A 54 15.50 -7.03 11.02
N GLN A 55 15.31 -6.68 12.29
CA GLN A 55 14.40 -7.37 13.20
C GLN A 55 13.44 -6.33 13.77
N THR A 56 12.14 -6.60 13.61
CA THR A 56 11.09 -5.72 14.10
C THR A 56 10.73 -6.10 15.54
N PRO A 57 10.00 -5.22 16.26
CA PRO A 57 9.69 -5.48 17.66
C PRO A 57 8.89 -6.73 18.01
N ASP A 58 8.30 -7.39 17.01
CA ASP A 58 7.64 -8.69 17.15
C ASP A 58 8.61 -9.87 17.00
N ASP A 59 9.90 -9.55 16.92
CA ASP A 59 11.04 -10.48 16.73
C ASP A 59 11.17 -11.04 15.32
N TYR A 60 10.28 -10.61 14.41
CA TYR A 60 10.32 -11.07 13.04
C TYR A 60 11.53 -10.48 12.34
N THR A 61 12.10 -11.20 11.37
CA THR A 61 13.23 -10.69 10.61
C THR A 61 12.93 -10.68 9.09
N GLY A 62 13.58 -9.75 8.41
CA GLY A 62 13.52 -9.66 6.95
C GLY A 62 14.42 -8.57 6.41
N TRP A 63 14.36 -8.36 5.11
CA TRP A 63 15.33 -7.48 4.46
C TRP A 63 14.66 -6.27 3.86
N VAL A 64 15.31 -5.10 4.00
CA VAL A 64 14.85 -3.85 3.41
C VAL A 64 15.98 -3.16 2.62
N HIS A 65 15.56 -2.38 1.64
CA HIS A 65 16.47 -1.55 0.87
C HIS A 65 17.23 -0.58 1.80
N ARG A 66 18.46 -0.28 1.42
CA ARG A 66 19.34 0.58 2.21
C ARG A 66 18.71 1.92 2.54
N MSE A 67 17.90 2.45 1.62
CA MSE A 67 17.43 3.83 1.77
C MSE A 67 16.20 4.08 2.66
O MSE A 67 15.79 5.27 2.80
CB MSE A 67 17.18 4.42 0.38
CG MSE A 67 18.48 4.59 -0.37
SE MSE A 67 18.18 5.30 -2.16
CE MSE A 67 17.61 7.11 -1.72
N VAL A 68 15.62 3.04 3.24
CA VAL A 68 14.35 3.19 3.97
C VAL A 68 14.40 3.19 5.50
N ILE A 69 15.56 2.88 6.06
CA ILE A 69 15.76 3.01 7.49
C ILE A 69 16.92 3.94 7.72
N THR A 70 16.95 4.49 8.94
CA THR A 70 18.06 5.30 9.43
C THR A 70 18.84 4.48 10.47
N PRO A 71 20.01 3.93 10.08
CA PRO A 71 20.81 3.18 11.06
C PRO A 71 21.47 4.11 12.08
N MSE A 72 21.72 3.59 13.26
CA MSE A 72 22.23 4.44 14.32
C MSE A 72 22.80 3.62 15.44
O MSE A 72 22.58 2.42 15.52
CB MSE A 72 21.13 5.41 14.83
CG MSE A 72 19.83 4.78 15.20
SE MSE A 72 18.45 6.11 15.73
CE MSE A 72 17.72 6.79 14.00
N SER A 73 23.51 4.33 16.31
CA SER A 73 24.07 3.78 17.53
C SER A 73 22.96 3.48 18.53
N LYS A 74 23.26 2.67 19.55
CA LYS A 74 22.30 2.42 20.64
C LYS A 74 21.89 3.75 21.29
N GLU A 75 22.84 4.64 21.44
CA GLU A 75 22.63 5.92 22.11
C GLU A 75 21.60 6.75 21.35
N ARG A 76 21.75 6.80 20.03
CA ARG A 76 20.82 7.57 19.19
C ARG A 76 19.46 6.91 19.15
N TYR A 77 19.43 5.58 19.13
CA TYR A 77 18.19 4.79 19.11
C TYR A 77 17.41 5.07 20.40
N ASP A 78 18.14 5.08 21.51
CA ASP A 78 17.53 5.35 22.81
C ASP A 78 16.94 6.77 22.88
N GLU A 79 17.67 7.75 22.34
CA GLU A 79 17.15 9.10 22.25
C GLU A 79 15.84 9.17 21.44
N TRP A 80 15.83 8.52 20.28
CA TRP A 80 14.59 8.44 19.49
C TRP A 80 13.43 7.88 20.34
N ASN A 81 13.65 6.70 20.94
CA ASN A 81 12.60 6.05 21.71
C ASN A 81 12.11 6.86 22.92
N ARG A 82 12.99 7.63 23.55
CA ARG A 82 12.61 8.39 24.74
C ARG A 82 11.79 9.64 24.41
N ALA A 83 11.94 10.20 23.21
CA ALA A 83 11.21 11.44 22.82
C ALA A 83 9.71 11.16 22.75
N GLU A 84 8.87 12.04 23.33
CA GLU A 84 7.44 11.88 23.17
C GLU A 84 7.08 12.01 21.69
N LYS A 85 6.22 11.10 21.25
CA LYS A 85 5.86 11.04 19.85
C LYS A 85 4.53 11.76 19.61
N ILE A 86 4.31 12.12 18.35
CA ILE A 86 2.95 12.31 17.83
C ILE A 86 2.61 10.97 17.17
N VAL A 87 1.48 10.40 17.58
CA VAL A 87 1.00 9.12 17.10
C VAL A 87 -0.12 9.37 16.06
N VAL A 88 0.07 8.84 14.85
CA VAL A 88 -0.99 8.91 13.83
C VAL A 88 -2.11 7.90 14.17
N THR A 89 -3.33 8.42 14.25
CA THR A 89 -4.52 7.63 14.67
C THR A 89 -5.50 7.37 13.54
N SER A 90 -5.47 8.20 12.50
CA SER A 90 -6.32 8.00 11.33
C SER A 90 -5.63 7.03 10.38
N HIS A 91 -6.39 6.28 9.59
CA HIS A 91 -5.76 5.34 8.65
C HIS A 91 -4.76 5.99 7.69
N TYR A 92 -5.19 7.08 7.05
CA TYR A 92 -4.43 7.75 6.01
C TYR A 92 -4.36 9.27 6.21
N GLY A 93 -3.26 9.86 5.75
CA GLY A 93 -3.07 11.28 5.68
C GLY A 93 -1.70 11.60 5.12
N PHE A 94 -1.33 12.86 5.23
CA PHE A 94 -0.01 13.39 4.89
C PHE A 94 0.55 14.26 6.02
N ALA A 95 1.89 14.33 6.09
CA ALA A 95 2.59 15.37 6.83
C ALA A 95 3.06 16.40 5.82
N TYR A 96 3.06 17.67 6.22
CA TYR A 96 3.25 18.81 5.31
C TYR A 96 4.44 19.69 5.69
N GLU A 97 4.95 20.45 4.72
CA GLU A 97 6.07 21.39 4.98
C GLU A 97 5.69 22.57 5.87
N LYS A 98 4.43 22.96 5.78
CA LYS A 98 3.87 24.08 6.53
C LYS A 98 2.64 23.62 7.28
N PRO A 99 2.24 24.34 8.34
CA PRO A 99 0.96 24.00 9.01
C PRO A 99 -0.26 24.40 8.13
N ASP A 100 -0.46 23.65 7.05
CA ASP A 100 -1.46 23.94 6.03
C ASP A 100 -1.50 22.71 5.10
N GLU A 101 -2.66 22.07 5.01
CA GLU A 101 -2.80 20.86 4.20
C GLU A 101 -2.78 21.13 2.69
N SER A 102 -2.69 22.40 2.31
CA SER A 102 -2.51 22.80 0.91
CA SER A 102 -2.52 22.78 0.91
C SER A 102 -1.05 23.00 0.56
N SER A 103 -0.16 22.87 1.56
CA SER A 103 1.26 23.09 1.33
C SER A 103 1.93 21.82 0.75
N GLN A 104 3.20 21.94 0.38
CA GLN A 104 3.93 20.77 -0.13
C GLN A 104 4.01 19.63 0.89
N PRO A 105 3.55 18.41 0.51
CA PRO A 105 3.71 17.27 1.43
C PRO A 105 5.16 16.86 1.59
N VAL A 106 5.47 16.33 2.77
CA VAL A 106 6.75 15.70 3.06
C VAL A 106 6.65 14.20 2.85
N SER A 107 5.55 13.60 3.31
CA SER A 107 5.26 12.19 3.04
C SER A 107 3.81 11.89 3.38
N ASP A 108 3.30 10.76 2.89
CA ASP A 108 2.11 10.17 3.45
C ASP A 108 2.40 9.68 4.88
N VAL A 109 1.35 9.48 5.63
CA VAL A 109 1.40 8.74 6.90
C VAL A 109 0.21 7.75 6.96
N VAL A 110 0.41 6.72 7.75
CA VAL A 110 -0.69 5.83 8.13
C VAL A 110 -0.80 5.66 9.61
N ALA A 111 -1.95 5.13 10.06
CA ALA A 111 -2.17 4.83 11.46
C ALA A 111 -1.01 4.01 12.01
N GLY A 112 -0.55 4.39 13.19
CA GLY A 112 0.53 3.67 13.82
C GLY A 112 1.90 4.30 13.56
N ASN A 113 1.98 5.16 12.55
CA ASN A 113 3.17 5.96 12.35
C ASN A 113 3.37 6.85 13.60
N ARG A 114 4.63 7.01 14.01
CA ARG A 114 4.99 7.79 15.18
C ARG A 114 6.18 8.66 14.84
N LEU A 115 6.03 9.97 15.05
CA LEU A 115 7.08 10.96 14.74
C LEU A 115 7.41 11.73 16.01
N LYS A 116 8.63 12.27 16.09
CA LYS A 116 9.08 13.03 17.25
C LYS A 116 8.32 14.35 17.29
N TRP A 117 7.66 14.59 18.42
CA TRP A 117 6.96 15.83 18.65
C TRP A 117 7.93 16.98 18.95
N GLU A 118 7.86 18.04 18.13
CA GLU A 118 8.80 19.18 18.23
C GLU A 118 8.10 20.46 18.69
N GLY A 119 6.78 20.53 18.57
CA GLY A 119 6.06 21.78 18.82
C GLY A 119 4.65 21.74 18.29
N SER A 120 3.97 22.85 18.35
CA SER A 120 2.60 22.94 17.85
C SER A 120 2.41 24.30 17.21
N LYS A 121 1.58 24.37 16.18
CA LYS A 121 1.29 25.63 15.48
C LYS A 121 -0.11 25.50 14.94
N GLY A 122 -1.00 26.40 15.33
CA GLY A 122 -2.40 26.34 14.92
C GLY A 122 -2.99 24.97 15.18
N HIS A 123 -3.65 24.40 14.18
CA HIS A 123 -4.29 23.11 14.30
CA HIS A 123 -4.28 23.08 14.36
C HIS A 123 -3.36 21.96 13.85
N PHE A 124 -2.04 22.14 14.09
CA PHE A 124 -1.00 21.17 13.68
C PHE A 124 0.03 20.91 14.75
N TYR A 125 0.58 19.70 14.75
CA TYR A 125 1.78 19.41 15.52
C TYR A 125 3.00 19.48 14.61
N GLN A 126 4.03 20.16 15.10
CA GLN A 126 5.33 20.17 14.43
C GLN A 126 6.04 18.88 14.84
N VAL A 127 6.57 18.17 13.86
CA VAL A 127 7.16 16.85 14.05
C VAL A 127 8.49 16.72 13.27
N SER A 128 9.28 15.73 13.63
CA SER A 128 10.51 15.42 12.92
C SER A 128 10.60 13.91 12.71
N TYR A 129 11.26 13.55 11.62
CA TYR A 129 11.47 12.19 11.18
C TYR A 129 12.81 11.66 11.70
N PRO A 130 12.99 10.32 11.69
CA PRO A 130 14.27 9.73 12.16
C PRO A 130 15.47 10.23 11.33
N ASP A 131 15.25 10.56 10.08
CA ASP A 131 16.29 11.06 9.17
C ASP A 131 16.55 12.58 9.27
N GLY A 132 15.69 13.30 9.99
CA GLY A 132 15.88 14.73 10.25
C GLY A 132 14.90 15.65 9.54
N ARG A 133 14.13 15.11 8.60
CA ARG A 133 13.04 15.88 8.01
C ARG A 133 12.11 16.47 9.06
N LYS A 134 11.68 17.70 8.78
CA LYS A 134 10.71 18.42 9.59
C LYS A 134 9.37 18.53 8.86
N ALA A 135 8.28 18.47 9.61
CA ALA A 135 6.95 18.51 9.01
C ALA A 135 5.88 18.91 10.01
N TYR A 136 4.65 19.04 9.52
CA TYR A 136 3.46 19.32 10.33
C TYR A 136 2.41 18.28 10.05
N LEU A 137 1.76 17.82 11.12
CA LEU A 137 0.66 16.89 11.07
C LEU A 137 -0.58 17.52 11.68
N SER A 138 -1.70 17.41 10.97
CA SER A 138 -2.98 17.88 11.49
C SER A 138 -3.36 17.18 12.83
N LYS A 139 -3.83 17.99 13.78
CA LYS A 139 -4.34 17.47 15.06
C LYS A 139 -5.55 16.59 14.86
N SER A 140 -6.18 16.66 13.67
CA SER A 140 -7.36 15.86 13.36
CA SER A 140 -7.36 15.85 13.37
C SER A 140 -7.07 14.40 13.04
N ILE A 141 -5.81 14.08 12.71
CA ILE A 141 -5.41 12.72 12.36
C ILE A 141 -4.36 12.11 13.29
N SER A 142 -4.03 12.83 14.36
CA SER A 142 -2.93 12.44 15.23
C SER A 142 -3.07 13.07 16.61
N GLN A 143 -2.30 12.53 17.55
CA GLN A 143 -2.24 13.11 18.88
C GLN A 143 -1.02 12.72 19.66
N PRO A 144 -0.68 13.53 20.66
CA PRO A 144 0.53 13.31 21.44
C PRO A 144 0.44 11.98 22.17
N GLU A 145 1.57 11.29 22.20
CA GLU A 145 1.65 9.94 22.74
C GLU A 145 1.18 9.79 24.20
N ALA A 146 1.55 10.70 25.09
CA ALA A 146 1.19 10.56 26.50
C ALA A 146 -0.33 10.58 26.67
N GLY A 147 -0.98 11.58 26.12
CA GLY A 147 -2.43 11.65 26.13
C GLY A 147 -3.11 10.50 25.41
N TRP A 148 -2.53 10.07 24.28
CA TRP A 148 -3.04 8.91 23.55
C TRP A 148 -3.12 7.66 24.43
N ARG A 149 -2.03 7.38 25.14
CA ARG A 149 -1.95 6.25 26.08
C ARG A 149 -2.96 6.38 27.20
N ALA A 150 -3.09 7.59 27.74
CA ALA A 150 -4.00 7.88 28.84
C ALA A 150 -5.45 7.53 28.43
N SER A 151 -5.85 7.81 27.19
CA SER A 151 -7.23 7.58 26.77
C SER A 151 -7.46 6.23 26.07
N LEU A 152 -6.38 5.44 25.91
CA LEU A 152 -6.43 4.26 25.03
C LEU A 152 -7.37 3.22 25.60
N LYS A 153 -8.25 2.68 24.76
CA LYS A 153 -9.08 1.56 25.15
C LYS A 153 -8.52 0.30 24.52
N GLN A 154 -8.44 -0.79 25.30
CA GLN A 154 -7.99 -2.09 24.81
C GLN A 154 -8.99 -3.24 25.06
N ASP A 155 -10.25 -2.87 25.33
CA ASP A 155 -11.33 -3.85 25.43
C ASP A 155 -11.68 -4.42 24.03
N VAL A 156 -12.35 -5.56 24.03
CA VAL A 156 -12.72 -6.27 22.83
C VAL A 156 -13.57 -5.38 21.87
N GLU A 157 -14.49 -4.57 22.42
CA GLU A 157 -15.41 -3.83 21.54
C GLU A 157 -14.67 -2.74 20.81
N SER A 158 -13.76 -2.07 21.50
CA SER A 158 -12.93 -1.00 20.93
C SER A 158 -12.04 -1.57 19.83
N ILE A 159 -11.49 -2.76 20.07
CA ILE A 159 -10.68 -3.48 19.08
C ILE A 159 -11.49 -3.89 17.85
N ILE A 160 -12.69 -4.41 18.05
CA ILE A 160 -13.57 -4.77 16.96
C ILE A 160 -14.00 -3.53 16.17
N GLU A 161 -14.24 -2.41 16.84
CA GLU A 161 -14.61 -1.19 16.13
CA GLU A 161 -14.60 -1.18 16.13
C GLU A 161 -13.49 -0.79 15.15
N THR A 162 -12.25 -0.90 15.62
CA THR A 162 -11.09 -0.59 14.76
C THR A 162 -11.02 -1.55 13.56
N ALA A 163 -11.30 -2.82 13.78
CA ALA A 163 -11.39 -3.78 12.67
C ALA A 163 -12.47 -3.38 11.66
N TYR A 164 -13.66 -3.00 12.16
CA TYR A 164 -14.75 -2.55 11.29
C TYR A 164 -14.38 -1.31 10.49
N SER A 165 -13.50 -0.47 11.03
CA SER A 165 -13.06 0.75 10.36
C SER A 165 -12.22 0.46 9.11
N MSE A 166 -11.76 -0.79 9.01
CA MSE A 166 -10.95 -1.26 7.88
C MSE A 166 -11.76 -2.02 6.85
O MSE A 166 -11.17 -2.62 5.95
CB MSE A 166 -9.81 -2.12 8.40
CG MSE A 166 -8.87 -1.34 9.29
SE MSE A 166 -7.21 -2.25 9.73
CE MSE A 166 -6.50 -2.45 7.92
N MSE A 167 -13.10 -1.99 6.97
CA MSE A 167 -13.98 -2.69 6.02
C MSE A 167 -13.61 -2.38 4.57
O MSE A 167 -13.47 -1.24 4.21
CB MSE A 167 -15.47 -2.38 6.25
CG MSE A 167 -16.39 -3.44 5.68
SE MSE A 167 -16.27 -5.13 6.61
CE MSE A 167 -16.96 -4.51 8.35
N GLY A 168 -13.42 -3.45 3.79
CA GLY A 168 -13.19 -3.34 2.36
C GLY A 168 -11.78 -3.03 1.93
N ILE A 169 -10.90 -2.73 2.87
CA ILE A 169 -9.50 -2.53 2.52
C ILE A 169 -8.90 -3.77 1.84
N PRO A 170 -8.03 -3.56 0.84
CA PRO A 170 -7.55 -4.74 0.11
C PRO A 170 -6.71 -5.73 0.91
N TYR A 171 -6.85 -6.98 0.53
CA TYR A 171 -5.89 -7.99 0.94
C TYR A 171 -4.58 -7.73 0.18
N LEU A 172 -3.48 -7.79 0.91
CA LEU A 172 -2.14 -7.77 0.36
C LEU A 172 -1.27 -8.77 1.12
N TRP A 173 -0.65 -9.68 0.40
CA TRP A 173 0.21 -10.65 1.01
C TRP A 173 1.35 -9.96 1.76
N ALA A 174 1.55 -10.34 3.01
CA ALA A 174 2.52 -9.71 3.91
C ALA A 174 2.13 -8.30 4.37
N GLY A 175 0.93 -7.83 3.98
CA GLY A 175 0.53 -6.49 4.31
C GLY A 175 0.29 -6.33 5.80
N THR A 176 0.88 -5.27 6.37
CA THR A 176 0.86 -5.01 7.81
C THR A 176 0.62 -3.51 8.13
N SER A 177 -0.24 -2.87 7.35
CA SER A 177 -0.63 -1.49 7.57
C SER A 177 -2.02 -1.23 7.00
N SER A 178 -2.54 -0.06 7.33
CA SER A 178 -3.81 0.41 6.82
C SER A 178 -3.89 0.41 5.31
N LYS A 179 -2.76 0.39 4.62
CA LYS A 179 -2.78 0.37 3.17
C LYS A 179 -3.31 -0.95 2.57
N GLY A 180 -3.14 -2.03 3.32
CA GLY A 180 -3.45 -3.35 2.79
C GLY A 180 -2.93 -4.40 3.75
N VAL A 181 -3.69 -5.48 3.93
CA VAL A 181 -3.39 -6.43 4.99
C VAL A 181 -3.52 -7.88 4.53
N ASP A 182 -2.73 -8.77 5.09
CA ASP A 182 -3.05 -10.20 4.95
C ASP A 182 -3.83 -10.68 6.20
N CSA A 183 -4.04 -11.98 6.35
CA CSA A 183 -4.97 -12.47 7.36
CB CSA A 183 -5.27 -13.95 7.21
C CSA A 183 -4.48 -12.14 8.76
SG CSA A 183 -3.88 -15.03 7.38
C3 CSA A 183 -3.84 -16.10 5.95
C2 CSA A 183 -3.41 -15.50 4.64
O4 CSA A 183 -3.16 -14.33 4.57
C1 CSA A 183 -3.25 -16.37 3.40
O CSA A 183 -5.21 -11.55 9.61
N SER A 184 -3.22 -12.47 8.98
CA SER A 184 -2.52 -12.19 10.23
C SER A 184 -2.12 -10.70 10.36
N GLY A 185 -1.92 -10.05 9.21
CA GLY A 185 -1.58 -8.62 9.19
C GLY A 185 -2.75 -7.75 9.55
N LEU A 186 -3.98 -8.18 9.25
CA LEU A 186 -5.16 -7.45 9.70
C LEU A 186 -5.17 -7.43 11.24
N VAL A 187 -5.01 -8.59 11.84
CA VAL A 187 -4.92 -8.73 13.30
C VAL A 187 -3.87 -7.78 13.88
N ARG A 188 -2.68 -7.80 13.31
CA ARG A 188 -1.57 -6.97 13.80
C ARG A 188 -1.81 -5.47 13.61
N THR A 189 -2.37 -5.11 12.46
CA THR A 189 -2.64 -3.71 12.13
C THR A 189 -3.68 -3.12 13.09
N VAL A 190 -4.73 -3.88 13.32
CA VAL A 190 -5.78 -3.48 14.29
C VAL A 190 -5.14 -3.34 15.71
N LEU A 191 -4.42 -4.36 16.14
CA LEU A 191 -3.84 -4.40 17.50
C LEU A 191 -2.84 -3.26 17.71
N PHE A 192 -2.07 -2.93 16.66
CA PHE A 192 -1.05 -1.89 16.80
C PHE A 192 -1.67 -0.51 17.02
N MSE A 193 -2.85 -0.30 16.45
CA MSE A 193 -3.65 0.89 16.72
C MSE A 193 -4.17 1.00 18.18
O MSE A 193 -4.65 2.06 18.61
CB MSE A 193 -4.74 1.00 15.67
CG MSE A 193 -4.14 1.31 14.30
SE MSE A 193 -5.48 1.14 12.89
CE MSE A 193 -6.57 2.66 13.31
N HIS A 194 -4.02 -0.09 18.94
CA HIS A 194 -4.35 -0.16 20.36
C HIS A 194 -3.10 -0.46 21.20
N ASP A 195 -1.93 -0.18 20.61
CA ASP A 195 -0.60 -0.32 21.21
C ASP A 195 -0.12 -1.72 21.48
N ILE A 196 -0.75 -2.72 20.88
CA ILE A 196 -0.49 -4.13 21.14
C ILE A 196 0.30 -4.80 19.99
N ILE A 197 1.28 -5.61 20.38
CA ILE A 197 2.10 -6.42 19.47
C ILE A 197 1.95 -7.89 19.87
N ILE A 198 1.70 -8.73 18.88
CA ILE A 198 1.66 -10.20 19.03
C ILE A 198 2.49 -10.76 17.88
N PRO A 199 2.71 -12.10 17.84
CA PRO A 199 3.51 -12.60 16.73
C PRO A 199 2.90 -12.32 15.36
N ARG A 200 3.79 -12.27 14.35
CA ARG A 200 3.40 -11.84 13.01
C ARG A 200 2.60 -12.89 12.21
N ASP A 201 3.09 -14.12 12.18
CA ASP A 201 2.52 -15.11 11.29
C ASP A 201 1.36 -15.86 11.90
N ALA A 202 0.41 -16.24 11.06
CA ALA A 202 -0.76 -16.96 11.55
C ALA A 202 -0.36 -18.23 12.33
N SER A 203 0.68 -18.92 11.84
CA SER A 203 1.16 -20.14 12.49
C SER A 203 1.73 -19.92 13.86
N GLN A 204 2.14 -18.69 14.18
CA GLN A 204 2.57 -18.34 15.52
C GLN A 204 1.44 -17.76 16.37
N GLN A 205 0.56 -16.97 15.77
CA GLN A 205 -0.62 -16.48 16.48
C GLN A 205 -1.50 -17.63 17.00
N ALA A 206 -1.47 -18.76 16.29
CA ALA A 206 -2.29 -19.92 16.62
C ALA A 206 -1.96 -20.60 17.94
N TYR A 207 -0.79 -20.26 18.48
CA TYR A 207 -0.28 -20.93 19.69
C TYR A 207 -0.03 -19.98 20.83
N VAL A 208 -0.60 -18.76 20.76
CA VAL A 208 -0.52 -17.78 21.86
C VAL A 208 -1.76 -17.95 22.73
N GLY A 209 -1.72 -17.36 23.93
CA GLY A 209 -2.86 -17.29 24.83
C GLY A 209 -3.50 -18.63 25.16
N GLU A 210 -4.82 -18.64 25.31
CA GLU A 210 -5.57 -19.80 25.72
C GLU A 210 -6.21 -20.48 24.53
N HIS A 211 -5.84 -21.74 24.31
CA HIS A 211 -6.44 -22.58 23.29
C HIS A 211 -7.89 -22.90 23.63
N ILE A 212 -8.78 -22.69 22.66
CA ILE A 212 -10.19 -23.02 22.83
C ILE A 212 -10.59 -24.12 21.82
N ASP A 213 -10.92 -25.30 22.36
CA ASP A 213 -11.51 -26.38 21.56
CA ASP A 213 -11.50 -26.37 21.55
C ASP A 213 -12.98 -26.03 21.38
N ILE A 214 -13.37 -25.62 20.17
CA ILE A 214 -14.72 -25.06 19.93
C ILE A 214 -15.79 -26.14 20.10
N ALA A 215 -16.81 -25.86 20.91
CA ALA A 215 -17.92 -26.76 21.12
C ALA A 215 -18.78 -26.82 19.86
N PRO A 216 -19.51 -27.94 19.66
CA PRO A 216 -20.36 -28.04 18.44
C PRO A 216 -21.32 -26.86 18.30
N ASP A 217 -21.86 -26.37 19.43
CA ASP A 217 -22.79 -25.23 19.43
C ASP A 217 -22.09 -23.85 19.45
N PHE A 218 -20.76 -23.84 19.38
CA PHE A 218 -19.95 -22.61 19.44
C PHE A 218 -20.09 -21.79 20.74
N SER A 219 -20.68 -22.39 21.77
CA SER A 219 -21.03 -21.63 22.99
C SER A 219 -19.81 -21.17 23.78
N ASN A 220 -18.68 -21.83 23.59
CA ASN A 220 -17.49 -21.52 24.36
C ASN A 220 -16.46 -20.63 23.63
N VAL A 221 -16.80 -20.16 22.43
CA VAL A 221 -15.99 -19.20 21.66
CA VAL A 221 -15.97 -19.21 21.71
C VAL A 221 -16.66 -17.85 21.79
N LYS A 222 -15.87 -16.82 22.02
CA LYS A 222 -16.37 -15.51 22.37
CA LYS A 222 -16.37 -15.51 22.39
C LYS A 222 -15.83 -14.44 21.47
N ARG A 223 -16.63 -13.40 21.31
CA ARG A 223 -16.26 -12.23 20.57
C ARG A 223 -14.90 -11.72 21.06
N GLY A 224 -13.99 -11.44 20.13
CA GLY A 224 -12.60 -11.04 20.45
C GLY A 224 -11.55 -12.15 20.42
N ASP A 225 -12.00 -13.41 20.43
CA ASP A 225 -11.14 -14.54 20.21
C ASP A 225 -10.67 -14.51 18.74
N LEU A 226 -9.58 -15.20 18.48
CA LEU A 226 -9.15 -15.46 17.11
C LEU A 226 -9.64 -16.86 16.74
N VAL A 227 -10.05 -17.02 15.48
CA VAL A 227 -10.43 -18.32 14.93
C VAL A 227 -9.43 -18.65 13.84
N PHE A 228 -8.96 -19.91 13.87
CA PHE A 228 -7.97 -20.42 12.94
C PHE A 228 -8.51 -21.52 12.07
N PHE A 229 -8.00 -21.54 10.84
CA PHE A 229 -8.42 -22.46 9.82
C PHE A 229 -7.21 -23.09 9.17
N GLY A 230 -7.42 -24.31 8.67
CA GLY A 230 -6.34 -24.99 7.95
C GLY A 230 -6.53 -26.49 7.86
N ARG A 231 -5.39 -27.18 7.88
CA ARG A 231 -5.33 -28.62 7.67
C ARG A 231 -5.16 -29.28 9.03
N LYS A 232 -6.14 -30.09 9.44
CA LYS A 232 -6.12 -30.78 10.72
CA LYS A 232 -6.08 -30.72 10.75
C LYS A 232 -4.95 -31.76 10.79
N ALA A 233 -4.37 -31.91 11.97
CA ALA A 233 -3.32 -32.89 12.22
C ALA A 233 -3.80 -34.31 11.93
N THR A 234 -2.90 -35.11 11.37
CA THR A 234 -3.07 -36.57 11.25
C THR A 234 -1.92 -37.23 11.96
N ALA A 235 -1.95 -38.57 12.05
CA ALA A 235 -0.84 -39.35 12.61
C ALA A 235 0.44 -39.06 11.83
N GLU A 236 0.33 -39.02 10.50
CA GLU A 236 1.48 -38.87 9.62
C GLU A 236 1.93 -37.39 9.39
N ARG A 237 1.10 -36.41 9.77
CA ARG A 237 1.41 -34.99 9.50
C ARG A 237 0.83 -33.99 10.52
N LYS A 238 1.66 -33.12 11.09
CA LYS A 238 1.18 -32.06 11.99
C LYS A 238 0.19 -31.11 11.29
N GLU A 239 -0.57 -30.39 12.10
CA GLU A 239 -1.60 -29.49 11.55
C GLU A 239 -0.92 -28.34 10.81
N GLY A 240 -1.62 -27.78 9.85
CA GLY A 240 -1.10 -26.62 9.10
C GLY A 240 -2.10 -25.50 9.27
N ILE A 241 -1.64 -24.36 9.79
CA ILE A 241 -2.47 -23.15 9.94
C ILE A 241 -2.40 -22.36 8.65
N SER A 242 -3.56 -22.15 8.01
CA SER A 242 -3.57 -21.44 6.74
CA SER A 242 -3.66 -21.49 6.72
C SER A 242 -4.25 -20.08 6.81
N HIS A 243 -5.05 -19.81 7.86
CA HIS A 243 -5.85 -18.60 7.87
C HIS A 243 -6.31 -18.28 9.28
N VAL A 244 -6.56 -16.99 9.51
CA VAL A 244 -7.04 -16.51 10.81
C VAL A 244 -8.04 -15.38 10.59
N GLY A 245 -9.02 -15.29 11.49
CA GLY A 245 -9.94 -14.16 11.56
C GLY A 245 -10.20 -13.80 13.03
N ILE A 246 -10.87 -12.69 13.22
CA ILE A 246 -11.32 -12.23 14.52
C ILE A 246 -12.80 -12.61 14.70
N TYR A 247 -13.06 -13.38 15.75
CA TYR A 247 -14.42 -13.86 16.03
C TYR A 247 -15.30 -12.72 16.51
N LEU A 248 -16.53 -12.67 15.99
CA LEU A 248 -17.48 -11.59 16.30
C LEU A 248 -18.70 -12.02 17.13
N GLY A 249 -18.77 -13.28 17.52
CA GLY A 249 -19.98 -13.84 18.10
C GLY A 249 -20.95 -14.30 17.03
N ASN A 250 -21.87 -15.17 17.43
CA ASN A 250 -22.95 -15.60 16.53
C ASN A 250 -22.43 -16.20 15.23
N LYS A 251 -21.32 -16.92 15.33
CA LYS A 251 -20.71 -17.62 14.19
C LYS A 251 -20.15 -16.73 13.08
N GLN A 252 -20.01 -15.43 13.37
CA GLN A 252 -19.47 -14.49 12.42
C GLN A 252 -18.01 -14.16 12.74
N PHE A 253 -17.27 -13.74 11.73
CA PHE A 253 -15.86 -13.38 11.92
C PHE A 253 -15.43 -12.42 10.84
N ILE A 254 -14.50 -11.53 11.20
CA ILE A 254 -13.96 -10.55 10.27
C ILE A 254 -12.55 -10.98 9.93
N HIS A 255 -12.22 -10.86 8.66
CA HIS A 255 -10.94 -11.36 8.17
C HIS A 255 -10.54 -10.69 6.87
N ALA A 256 -9.28 -10.90 6.47
CA ALA A 256 -8.72 -10.40 5.21
C ALA A 256 -8.53 -11.58 4.26
N LEU A 257 -9.27 -11.56 3.15
CA LEU A 257 -9.19 -12.56 2.09
C LEU A 257 -9.83 -11.88 0.89
N GLY A 258 -9.03 -11.45 -0.09
CA GLY A 258 -9.51 -10.59 -1.19
C GLY A 258 -9.56 -9.15 -0.71
N ASP A 259 -10.35 -8.95 0.33
CA ASP A 259 -10.46 -7.68 1.05
C ASP A 259 -10.87 -7.99 2.48
N VAL A 260 -10.92 -6.96 3.29
CA VAL A 260 -11.41 -7.11 4.67
C VAL A 260 -12.94 -7.19 4.63
N HIS A 261 -13.48 -8.30 5.12
CA HIS A 261 -14.92 -8.55 5.09
C HIS A 261 -15.38 -9.45 6.22
N VAL A 262 -16.70 -9.48 6.41
CA VAL A 262 -17.33 -10.29 7.43
C VAL A 262 -18.01 -11.53 6.82
N SER A 263 -17.67 -12.67 7.37
CA SER A 263 -18.21 -13.97 6.92
C SER A 263 -18.88 -14.68 8.08
N SER A 264 -19.61 -15.75 7.76
CA SER A 264 -20.33 -16.55 8.74
C SER A 264 -19.97 -18.01 8.59
N MSE A 265 -20.03 -18.72 9.70
CA MSE A 265 -19.90 -20.16 9.73
C MSE A 265 -21.26 -20.85 9.91
O MSE A 265 -21.31 -22.08 10.09
CB MSE A 265 -18.93 -20.53 10.85
CG MSE A 265 -17.51 -20.07 10.52
SE MSE A 265 -16.21 -20.47 11.89
CE MSE A 265 -16.60 -19.02 13.14
N ASN A 266 -22.34 -20.08 9.82
CA ASN A 266 -23.70 -20.61 9.82
C ASN A 266 -24.15 -20.80 8.36
N PRO A 267 -24.36 -22.07 7.92
CA PRO A 267 -24.78 -22.33 6.54
C PRO A 267 -26.07 -21.60 6.11
N ALA A 268 -26.89 -21.15 7.05
CA ALA A 268 -28.11 -20.40 6.76
C ALA A 268 -27.88 -18.93 6.45
N ASP A 269 -26.66 -18.43 6.68
CA ASP A 269 -26.40 -16.98 6.54
C ASP A 269 -25.97 -16.69 5.11
N GLN A 270 -26.33 -15.50 4.64
CA GLN A 270 -25.99 -15.08 3.29
C GLN A 270 -24.47 -14.94 3.07
N ASN A 271 -23.75 -14.58 4.13
CA ASN A 271 -22.29 -14.44 4.08
C ASN A 271 -21.52 -15.68 4.55
N TYR A 272 -22.17 -16.84 4.45
CA TYR A 272 -21.54 -18.15 4.77
C TYR A 272 -20.30 -18.39 3.94
N ASP A 273 -19.24 -18.76 4.62
CA ASP A 273 -17.98 -19.04 4.00
C ASP A 273 -17.79 -20.55 4.20
N GLU A 274 -18.23 -21.31 3.21
CA GLU A 274 -18.19 -22.75 3.28
C GLU A 274 -16.77 -23.27 3.35
N PHE A 275 -15.88 -22.70 2.54
CA PHE A 275 -14.51 -23.19 2.42
C PHE A 275 -13.74 -23.11 3.73
N ASN A 276 -13.82 -21.97 4.38
CA ASN A 276 -13.08 -21.81 5.65
C ASN A 276 -13.82 -22.53 6.79
N THR A 277 -15.15 -22.49 6.77
CA THR A 277 -15.92 -23.15 7.84
C THR A 277 -15.54 -24.63 7.93
N LYS A 278 -15.46 -25.30 6.78
CA LYS A 278 -15.12 -26.72 6.78
C LYS A 278 -13.67 -26.99 7.16
N ARG A 279 -12.83 -25.94 7.18
CA ARG A 279 -11.44 -26.03 7.58
C ARG A 279 -11.19 -25.42 8.97
N LEU A 280 -12.26 -25.14 9.72
CA LEU A 280 -12.12 -24.55 11.05
C LEU A 280 -11.37 -25.53 11.94
N LEU A 281 -10.36 -25.03 12.66
CA LEU A 281 -9.54 -25.84 13.57
C LEU A 281 -9.88 -25.59 15.04
N PHE A 282 -9.70 -24.36 15.48
CA PHE A 282 -9.89 -23.98 16.90
C PHE A 282 -9.87 -22.45 17.01
N ALA A 283 -10.12 -21.97 18.23
CA ALA A 283 -10.02 -20.56 18.56
C ALA A 283 -8.91 -20.36 19.60
N VAL A 284 -8.53 -19.10 19.78
CA VAL A 284 -7.54 -18.68 20.81
C VAL A 284 -8.07 -17.43 21.48
N ARG A 285 -8.03 -17.41 22.80
CA ARG A 285 -8.41 -16.23 23.57
C ARG A 285 -7.09 -15.59 24.01
N PHE A 286 -6.76 -14.42 23.49
CA PHE A 286 -5.42 -13.84 23.67
C PHE A 286 -5.39 -12.54 24.45
N LEU A 287 -6.44 -11.73 24.33
CA LEU A 287 -6.44 -10.38 24.93
C LEU A 287 -6.13 -10.36 26.43
N PRO A 288 -6.63 -11.35 27.21
CA PRO A 288 -6.31 -11.36 28.63
C PRO A 288 -4.82 -11.53 28.98
N TYR A 289 -4.02 -11.95 28.01
CA TYR A 289 -2.65 -12.35 28.29
C TYR A 289 -1.61 -11.39 27.71
N ILE A 290 -2.06 -10.23 27.21
CA ILE A 290 -1.13 -9.20 26.75
C ILE A 290 -0.24 -8.78 27.93
N ASN A 291 1.07 -8.73 27.68
CA ASN A 291 2.11 -8.48 28.71
C ASN A 291 2.22 -9.59 29.80
N LYS A 292 1.59 -10.74 29.56
CA LYS A 292 1.62 -11.85 30.52
C LYS A 292 2.29 -13.08 29.93
N GLU A 293 2.55 -13.07 28.64
CA GLU A 293 3.39 -14.09 28.05
C GLU A 293 4.31 -13.48 27.03
N LYS A 294 5.45 -14.12 26.88
CA LYS A 294 6.45 -13.66 25.95
C LYS A 294 5.86 -13.67 24.55
N GLY A 295 6.04 -12.57 23.84
CA GLY A 295 5.58 -12.49 22.46
C GLY A 295 4.33 -11.64 22.32
N MSE A 296 3.67 -11.36 23.45
CA MSE A 296 2.49 -10.48 23.47
C MSE A 296 2.70 -9.35 24.45
O MSE A 296 2.80 -9.56 25.64
CB MSE A 296 1.25 -11.26 23.80
CG MSE A 296 0.98 -12.36 22.79
SE MSE A 296 -0.91 -12.84 22.73
CE MSE A 296 -1.10 -13.55 24.51
N ASN A 297 2.72 -8.14 23.93
CA ASN A 297 3.12 -6.97 24.73
C ASN A 297 2.58 -5.68 24.17
N THR A 298 2.76 -4.61 24.95
CA THR A 298 2.43 -3.27 24.53
C THR A 298 3.74 -2.48 24.36
N THR A 299 3.70 -1.41 23.56
CA THR A 299 4.97 -0.74 23.22
C THR A 299 5.62 -0.06 24.42
N ASN A 300 4.84 0.27 25.45
CA ASN A 300 5.46 0.80 26.70
C ASN A 300 6.26 -0.24 27.50
N LYS A 301 6.10 -1.52 27.17
CA LYS A 301 6.78 -2.61 27.88
C LYS A 301 7.78 -3.35 26.97
N ASN A 302 7.56 -3.30 25.65
CA ASN A 302 8.38 -4.02 24.69
C ASN A 302 9.84 -3.55 24.72
N PRO A 303 10.79 -4.48 24.80
CA PRO A 303 12.22 -4.13 24.98
C PRO A 303 12.86 -3.36 23.82
N PHE A 304 12.30 -3.47 22.61
CA PHE A 304 12.79 -2.67 21.48
C PHE A 304 12.57 -1.17 21.68
N TYR A 305 11.58 -0.84 22.51
CA TYR A 305 11.09 0.53 22.74
C TYR A 305 11.70 1.16 24.00
N GLN A 306 12.33 0.33 24.83
CA GLN A 306 12.88 0.76 26.13
C GLN A 306 14.41 0.64 26.11
N ASP B 10 -14.91 -19.62 -18.36
CA ASP B 10 -16.10 -19.14 -19.12
C ASP B 10 -16.04 -17.62 -19.38
N SER B 11 -15.97 -16.84 -18.28
CA SER B 11 -15.99 -15.35 -18.33
C SER B 11 -14.71 -14.78 -18.97
N ALA B 12 -14.91 -13.83 -19.90
CA ALA B 12 -13.79 -13.26 -20.66
C ALA B 12 -13.52 -11.80 -20.33
N TYR B 13 -14.39 -11.22 -19.50
CA TYR B 13 -14.30 -9.83 -19.13
C TYR B 13 -14.52 -9.68 -17.63
N GLY B 14 -14.03 -8.61 -17.07
CA GLY B 14 -14.25 -8.31 -15.67
C GLY B 14 -13.96 -6.87 -15.33
N VAL B 15 -14.26 -6.53 -14.08
CA VAL B 15 -13.97 -5.22 -13.54
C VAL B 15 -13.43 -5.36 -12.13
N VAL B 16 -12.35 -4.67 -11.84
CA VAL B 16 -11.73 -4.69 -10.49
C VAL B 16 -12.70 -4.04 -9.49
N HIS B 17 -12.93 -4.67 -8.32
CA HIS B 17 -13.87 -4.13 -7.33
C HIS B 17 -13.30 -3.87 -5.94
N ILE B 18 -11.96 -3.78 -5.84
CA ILE B 18 -11.28 -3.31 -4.65
C ILE B 18 -10.43 -2.10 -5.09
N SER B 19 -10.01 -1.27 -4.12
CA SER B 19 -9.32 -0.01 -4.42
C SER B 19 -8.10 -0.24 -5.29
N VAL B 20 -7.29 -1.21 -4.88
CA VAL B 20 -6.06 -1.59 -5.59
C VAL B 20 -5.92 -3.10 -5.49
N CYS B 21 -5.86 -3.77 -6.65
CA CYS B 21 -5.58 -5.21 -6.71
C CYS B 21 -4.15 -5.51 -7.17
N ASN B 22 -3.68 -6.68 -6.78
CA ASN B 22 -2.27 -7.04 -6.88
C ASN B 22 -2.09 -8.15 -7.90
N LEU B 23 -1.56 -7.80 -9.08
CA LEU B 23 -1.30 -8.81 -10.12
C LEU B 23 0.05 -9.44 -9.86
N ARG B 24 0.11 -10.77 -9.96
CA ARG B 24 1.34 -11.54 -9.73
C ARG B 24 1.78 -12.34 -10.94
N GLU B 25 3.04 -12.76 -10.93
CA GLU B 25 3.60 -13.48 -12.08
C GLU B 25 2.92 -14.81 -12.35
N GLU B 26 2.50 -15.46 -11.28
CA GLU B 26 1.75 -16.69 -11.35
C GLU B 26 0.56 -16.61 -10.41
N GLY B 27 -0.31 -17.61 -10.51
CA GLY B 27 -1.51 -17.66 -9.71
C GLY B 27 -1.35 -18.16 -8.29
N LYS B 28 -0.52 -17.47 -7.52
CA LYS B 28 -0.28 -17.82 -6.13
C LYS B 28 0.37 -16.62 -5.43
N PHE B 29 0.11 -16.51 -4.14
CA PHE B 29 0.63 -15.42 -3.34
C PHE B 29 2.17 -15.40 -3.29
N THR B 30 2.77 -16.57 -3.29
CA THR B 30 4.22 -16.76 -3.26
C THR B 30 4.92 -16.60 -4.62
N SER B 31 4.30 -15.84 -5.51
CA SER B 31 4.96 -15.38 -6.71
CA SER B 31 4.90 -15.37 -6.73
C SER B 31 5.03 -13.85 -6.66
N GLY B 32 5.98 -13.29 -7.35
CA GLY B 32 6.19 -11.84 -7.26
C GLY B 32 5.07 -11.00 -7.81
N MSE B 33 4.78 -9.88 -7.14
CA MSE B 33 3.88 -8.88 -7.72
C MSE B 33 4.54 -8.26 -8.96
O MSE B 33 5.76 -8.05 -8.99
CB MSE B 33 3.47 -7.83 -6.68
CG MSE B 33 2.20 -7.09 -7.05
SE MSE B 33 1.55 -5.92 -5.62
CE MSE B 33 2.70 -4.43 -5.89
N SER B 34 3.72 -8.05 -10.00
CA SER B 34 4.15 -7.51 -11.28
C SER B 34 3.54 -6.15 -11.67
N THR B 35 2.31 -5.88 -11.23
CA THR B 35 1.66 -4.59 -11.41
C THR B 35 0.42 -4.56 -10.52
N GLN B 36 -0.31 -3.44 -10.55
CA GLN B 36 -1.56 -3.31 -9.82
C GLN B 36 -2.59 -2.62 -10.69
N ALA B 37 -3.86 -2.94 -10.41
CA ALA B 37 -5.01 -2.34 -11.09
C ALA B 37 -5.96 -1.68 -10.04
N LEU B 38 -6.88 -0.86 -10.53
CA LEU B 38 -7.66 0.05 -9.68
C LEU B 38 -9.15 -0.26 -9.72
N LEU B 39 -9.84 0.04 -8.62
CA LEU B 39 -11.27 -0.06 -8.53
C LEU B 39 -11.94 0.55 -9.78
N GLY B 40 -12.80 -0.26 -10.40
CA GLY B 40 -13.60 0.17 -11.55
C GLY B 40 -12.90 0.02 -12.87
N MSE B 41 -11.63 -0.38 -12.87
CA MSE B 41 -10.88 -0.57 -14.10
C MSE B 41 -11.33 -1.84 -14.83
O MSE B 41 -11.45 -2.92 -14.21
CB MSE B 41 -9.41 -0.61 -13.80
CG MSE B 41 -8.51 -0.55 -14.97
SE MSE B 41 -6.64 -0.36 -14.33
CE MSE B 41 -6.58 1.55 -14.10
N PRO B 42 -11.61 -1.72 -16.13
CA PRO B 42 -11.98 -2.88 -16.91
C PRO B 42 -10.77 -3.73 -17.22
N VAL B 43 -10.99 -5.04 -17.21
CA VAL B 43 -9.92 -6.01 -17.54
C VAL B 43 -10.50 -7.12 -18.42
N LYS B 44 -9.61 -7.75 -19.16
CA LYS B 44 -9.91 -8.97 -19.88
C LYS B 44 -9.51 -10.14 -18.97
N VAL B 45 -10.32 -11.19 -19.00
CA VAL B 45 -10.06 -12.40 -18.20
C VAL B 45 -9.62 -13.50 -19.15
N LEU B 46 -8.37 -13.93 -18.99
CA LEU B 46 -7.72 -14.79 -19.96
C LEU B 46 -7.88 -16.28 -19.63
N GLN B 47 -7.76 -16.63 -18.35
CA GLN B 47 -7.98 -17.99 -17.88
C GLN B 47 -8.22 -18.00 -16.39
N TYR B 48 -8.64 -19.17 -15.92
CA TYR B 48 -8.90 -19.41 -14.49
C TYR B 48 -8.30 -20.74 -14.08
N ASN B 49 -7.52 -20.74 -13.01
CA ASN B 49 -7.01 -22.01 -12.42
C ASN B 49 -7.20 -22.04 -10.92
N GLY B 50 -8.15 -21.27 -10.41
CA GLY B 50 -8.26 -20.95 -8.98
C GLY B 50 -7.99 -19.46 -8.77
N TRP B 51 -7.05 -18.94 -9.54
CA TRP B 51 -6.82 -17.51 -9.72
C TRP B 51 -7.21 -17.17 -11.16
N TYR B 52 -7.45 -15.89 -11.42
CA TYR B 52 -7.71 -15.40 -12.75
C TYR B 52 -6.43 -14.82 -13.35
N GLU B 53 -6.15 -15.18 -14.61
CA GLU B 53 -5.16 -14.44 -15.37
C GLU B 53 -5.91 -13.35 -16.10
N ILE B 54 -5.47 -12.12 -15.90
CA ILE B 54 -6.10 -10.92 -16.48
C ILE B 54 -5.13 -10.08 -17.30
N GLN B 55 -5.72 -9.22 -18.14
CA GLN B 55 -5.01 -8.22 -18.90
C GLN B 55 -5.60 -6.87 -18.57
N THR B 56 -4.72 -5.94 -18.15
CA THR B 56 -5.14 -4.59 -17.81
C THR B 56 -5.11 -3.71 -19.09
N PRO B 57 -5.71 -2.51 -19.03
CA PRO B 57 -5.81 -1.70 -20.25
C PRO B 57 -4.52 -1.23 -20.91
N ASP B 58 -3.41 -1.40 -20.20
CA ASP B 58 -2.07 -1.14 -20.73
C ASP B 58 -1.48 -2.33 -21.46
N ASP B 59 -2.28 -3.37 -21.57
CA ASP B 59 -1.95 -4.66 -22.25
C ASP B 59 -1.02 -5.57 -21.44
N TYR B 60 -0.79 -5.21 -20.20
CA TYR B 60 0.02 -6.02 -19.28
C TYR B 60 -0.82 -7.18 -18.75
N THR B 61 -0.20 -8.33 -18.51
CA THR B 61 -0.95 -9.45 -17.97
C THR B 61 -0.38 -9.90 -16.65
N GLY B 62 -1.23 -10.49 -15.83
CA GLY B 62 -0.81 -11.04 -14.55
C GLY B 62 -1.98 -11.73 -13.90
N TRP B 63 -1.74 -12.27 -12.71
CA TRP B 63 -2.73 -13.09 -12.01
C TRP B 63 -3.23 -12.47 -10.73
N VAL B 64 -4.53 -12.61 -10.51
CA VAL B 64 -5.20 -12.10 -9.29
C VAL B 64 -6.06 -13.19 -8.68
N HIS B 65 -6.19 -13.09 -7.36
CA HIS B 65 -7.11 -13.97 -6.61
C HIS B 65 -8.54 -13.86 -7.16
N ARG B 66 -9.28 -14.95 -7.11
CA ARG B 66 -10.61 -14.98 -7.69
CA ARG B 66 -10.64 -15.04 -7.61
C ARG B 66 -11.56 -13.96 -7.07
N MSE B 67 -11.37 -13.62 -5.81
CA MSE B 67 -12.31 -12.75 -5.12
C MSE B 67 -12.26 -11.27 -5.40
O MSE B 67 -13.13 -10.56 -4.92
CB MSE B 67 -12.18 -13.01 -3.62
CG MSE B 67 -12.67 -14.38 -3.24
SE MSE B 67 -12.54 -14.65 -1.30
CE MSE B 67 -14.01 -13.49 -0.73
N VAL B 68 -11.31 -10.79 -6.20
CA VAL B 68 -10.99 -9.34 -6.30
C VAL B 68 -11.50 -8.63 -7.56
N ILE B 69 -11.99 -9.41 -8.51
CA ILE B 69 -12.63 -8.90 -9.70
C ILE B 69 -14.04 -9.47 -9.80
N THR B 70 -14.86 -8.75 -10.54
CA THR B 70 -16.22 -9.17 -10.87
C THR B 70 -16.22 -9.56 -12.36
N PRO B 71 -16.24 -10.85 -12.62
CA PRO B 71 -16.37 -11.31 -14.01
C PRO B 71 -17.73 -10.96 -14.56
N MSE B 72 -17.79 -10.71 -15.87
CA MSE B 72 -18.98 -10.18 -16.51
C MSE B 72 -19.07 -10.68 -17.95
O MSE B 72 -18.06 -10.95 -18.60
CB MSE B 72 -18.96 -8.65 -16.58
CG MSE B 72 -19.07 -7.96 -15.26
SE MSE B 72 -19.14 -6.09 -15.56
CE MSE B 72 -18.86 -5.60 -13.66
N SER B 73 -20.30 -10.76 -18.43
CA SER B 73 -20.52 -10.92 -19.87
C SER B 73 -20.04 -9.66 -20.57
N LYS B 74 -19.80 -9.78 -21.88
CA LYS B 74 -19.40 -8.63 -22.64
C LYS B 74 -20.43 -7.51 -22.52
N GLU B 75 -21.71 -7.88 -22.51
CA GLU B 75 -22.78 -6.88 -22.49
C GLU B 75 -22.75 -6.09 -21.18
N ARG B 76 -22.54 -6.82 -20.07
CA ARG B 76 -22.48 -6.20 -18.75
C ARG B 76 -21.20 -5.35 -18.58
N TYR B 77 -20.09 -5.87 -19.10
CA TYR B 77 -18.85 -5.12 -19.18
C TYR B 77 -19.04 -3.80 -19.93
N ASP B 78 -19.67 -3.86 -21.09
CA ASP B 78 -19.94 -2.66 -21.86
C ASP B 78 -20.84 -1.66 -21.13
N GLU B 79 -21.82 -2.18 -20.41
CA GLU B 79 -22.72 -1.34 -19.59
C GLU B 79 -21.97 -0.64 -18.51
N TRP B 80 -21.11 -1.38 -17.81
CA TRP B 80 -20.21 -0.77 -16.80
C TRP B 80 -19.41 0.38 -17.42
N ASN B 81 -18.82 0.14 -18.56
CA ASN B 81 -17.99 1.15 -19.22
C ASN B 81 -18.76 2.37 -19.67
N ARG B 82 -19.99 2.15 -20.16
CA ARG B 82 -20.86 3.27 -20.59
C ARG B 82 -21.44 4.08 -19.44
N ALA B 83 -21.48 3.54 -18.24
CA ALA B 83 -22.06 4.24 -17.08
C ALA B 83 -21.21 5.43 -16.70
N GLU B 84 -21.84 6.57 -16.46
CA GLU B 84 -21.00 7.72 -16.06
C GLU B 84 -20.47 7.42 -14.67
N LYS B 85 -19.19 7.75 -14.49
CA LYS B 85 -18.48 7.46 -13.26
C LYS B 85 -18.38 8.69 -12.35
N ILE B 86 -18.12 8.39 -11.09
CA ILE B 86 -17.48 9.34 -10.18
C ILE B 86 -16.00 8.89 -10.15
N VAL B 87 -15.12 9.85 -10.42
CA VAL B 87 -13.68 9.68 -10.45
C VAL B 87 -13.07 10.18 -9.10
N VAL B 88 -12.28 9.34 -8.44
CA VAL B 88 -11.62 9.73 -7.22
C VAL B 88 -10.39 10.54 -7.60
N THR B 89 -10.32 11.75 -7.05
CA THR B 89 -9.29 12.72 -7.41
C THR B 89 -8.24 12.97 -6.32
N SER B 90 -8.59 12.72 -5.06
CA SER B 90 -7.64 12.81 -3.95
CA SER B 90 -7.63 12.81 -3.96
C SER B 90 -6.90 11.49 -3.83
N HIS B 91 -5.70 11.51 -3.23
CA HIS B 91 -4.86 10.29 -3.18
C HIS B 91 -5.53 9.16 -2.39
N TYR B 92 -6.09 9.54 -1.22
CA TYR B 92 -6.66 8.62 -0.28
C TYR B 92 -8.02 9.06 0.22
N GLY B 93 -8.84 8.07 0.54
CA GLY B 93 -10.07 8.32 1.31
C GLY B 93 -10.83 7.04 1.48
N PHE B 94 -12.10 7.17 1.86
CA PHE B 94 -13.03 6.04 1.99
C PHE B 94 -14.37 6.40 1.34
N ALA B 95 -15.11 5.37 0.96
CA ALA B 95 -16.53 5.46 0.60
C ALA B 95 -17.30 4.85 1.78
N TYR B 96 -18.45 5.46 2.08
CA TYR B 96 -19.20 5.15 3.29
C TYR B 96 -20.60 4.60 3.01
N GLU B 97 -21.17 3.94 4.01
CA GLU B 97 -22.55 3.44 3.91
C GLU B 97 -23.63 4.54 3.89
N LYS B 98 -23.34 5.64 4.57
CA LYS B 98 -24.18 6.82 4.61
C LYS B 98 -23.41 8.06 4.16
N PRO B 99 -24.15 9.14 3.80
CA PRO B 99 -23.45 10.39 3.41
C PRO B 99 -22.93 11.11 4.66
N ASP B 100 -21.92 10.52 5.27
CA ASP B 100 -21.36 10.94 6.57
C ASP B 100 -20.06 10.20 6.76
N GLU B 101 -18.94 10.93 6.88
CA GLU B 101 -17.65 10.29 7.04
C GLU B 101 -17.42 9.62 8.41
N SER B 102 -18.40 9.76 9.30
CA SER B 102 -18.42 9.06 10.60
C SER B 102 -19.25 7.77 10.56
N SER B 103 -19.86 7.45 9.42
CA SER B 103 -20.61 6.23 9.26
C SER B 103 -19.66 5.04 8.91
N GLN B 104 -20.24 3.85 8.81
CA GLN B 104 -19.48 2.63 8.53
C GLN B 104 -18.86 2.71 7.14
N PRO B 105 -17.54 2.56 7.02
CA PRO B 105 -17.00 2.50 5.67
C PRO B 105 -17.35 1.23 4.89
N VAL B 106 -17.35 1.39 3.58
CA VAL B 106 -17.52 0.32 2.63
C VAL B 106 -16.17 -0.14 2.10
N SER B 107 -15.32 0.81 1.73
CA SER B 107 -13.94 0.50 1.41
C SER B 107 -13.14 1.77 1.42
N ASP B 108 -11.84 1.60 1.42
CA ASP B 108 -10.93 2.68 1.07
C ASP B 108 -11.07 2.92 -0.44
N VAL B 109 -10.60 4.11 -0.82
CA VAL B 109 -10.43 4.50 -2.21
C VAL B 109 -9.09 5.21 -2.38
N VAL B 110 -8.55 5.12 -3.59
CA VAL B 110 -7.37 5.89 -4.00
C VAL B 110 -7.64 6.64 -5.30
N ALA B 111 -6.83 7.67 -5.54
CA ALA B 111 -6.94 8.41 -6.79
C ALA B 111 -6.94 7.47 -8.02
N GLY B 112 -7.83 7.73 -8.97
CA GLY B 112 -7.94 6.89 -10.18
C GLY B 112 -9.02 5.84 -10.12
N ASN B 113 -9.45 5.52 -8.89
CA ASN B 113 -10.63 4.69 -8.71
C ASN B 113 -11.82 5.36 -9.39
N ARG B 114 -12.68 4.55 -9.99
CA ARG B 114 -13.88 5.05 -10.64
C ARG B 114 -15.04 4.15 -10.27
N LEU B 115 -16.11 4.76 -9.80
CA LEU B 115 -17.31 4.04 -9.42
C LEU B 115 -18.51 4.56 -10.19
N LYS B 116 -19.56 3.74 -10.33
CA LYS B 116 -20.77 4.14 -11.06
C LYS B 116 -21.55 5.20 -10.27
N TRP B 117 -21.81 6.32 -10.92
CA TRP B 117 -22.55 7.43 -10.30
C TRP B 117 -24.04 7.13 -10.28
N GLU B 118 -24.62 7.15 -9.09
CA GLU B 118 -26.05 6.78 -8.92
C GLU B 118 -26.93 7.95 -8.48
N GLY B 119 -26.33 9.03 -8.01
CA GLY B 119 -27.04 10.18 -7.47
C GLY B 119 -26.20 10.98 -6.50
N SER B 120 -26.89 11.67 -5.57
CA SER B 120 -26.22 12.51 -4.58
CA SER B 120 -26.20 12.43 -4.55
C SER B 120 -27.09 12.65 -3.33
N LYS B 121 -26.43 12.81 -2.17
CA LYS B 121 -27.09 13.20 -0.90
CA LYS B 121 -27.09 13.21 -0.93
C LYS B 121 -26.13 14.06 -0.12
N GLY B 122 -26.62 15.15 0.46
CA GLY B 122 -25.70 16.09 1.11
C GLY B 122 -24.55 16.46 0.17
N HIS B 123 -23.35 16.56 0.72
CA HIS B 123 -22.16 16.88 -0.07
C HIS B 123 -21.37 15.61 -0.43
N PHE B 124 -22.11 14.64 -0.98
CA PHE B 124 -21.63 13.28 -1.31
C PHE B 124 -22.30 12.81 -2.61
N TYR B 125 -21.54 12.07 -3.43
CA TYR B 125 -22.11 11.32 -4.54
C TYR B 125 -22.50 9.94 -4.05
N GLN B 126 -23.69 9.50 -4.43
CA GLN B 126 -24.07 8.13 -4.25
C GLN B 126 -23.44 7.35 -5.39
N VAL B 127 -22.80 6.25 -5.05
CA VAL B 127 -22.07 5.44 -6.02
C VAL B 127 -22.38 3.95 -5.85
N SER B 128 -22.05 3.16 -6.88
CA SER B 128 -22.09 1.72 -6.76
C SER B 128 -20.80 1.07 -7.33
N TYR B 129 -20.49 -0.08 -6.76
CA TYR B 129 -19.34 -0.87 -7.11
C TYR B 129 -19.67 -1.88 -8.20
N PRO B 130 -18.65 -2.41 -8.88
CA PRO B 130 -18.91 -3.45 -9.87
C PRO B 130 -19.65 -4.67 -9.35
N ASP B 131 -19.39 -5.02 -8.10
CA ASP B 131 -19.98 -6.20 -7.43
C ASP B 131 -21.40 -5.92 -6.88
N GLY B 132 -21.82 -4.66 -6.92
CA GLY B 132 -23.16 -4.29 -6.46
C GLY B 132 -23.23 -3.51 -5.16
N ARG B 133 -22.14 -3.44 -4.38
CA ARG B 133 -22.14 -2.56 -3.20
C ARG B 133 -22.55 -1.12 -3.53
N LYS B 134 -23.20 -0.48 -2.57
CA LYS B 134 -23.62 0.91 -2.68
C LYS B 134 -22.90 1.67 -1.63
N ALA B 135 -22.59 2.93 -1.91
CA ALA B 135 -21.82 3.73 -0.97
C ALA B 135 -21.95 5.22 -1.31
N TYR B 136 -21.32 6.02 -0.47
CA TYR B 136 -21.28 7.48 -0.66
C TYR B 136 -19.84 7.92 -0.63
N LEU B 137 -19.49 8.79 -1.60
CA LEU B 137 -18.19 9.40 -1.68
C LEU B 137 -18.32 10.90 -1.52
N SER B 138 -17.50 11.47 -0.64
CA SER B 138 -17.52 12.92 -0.43
C SER B 138 -17.12 13.65 -1.71
N LYS B 139 -17.86 14.73 -2.00
CA LYS B 139 -17.54 15.58 -3.11
C LYS B 139 -16.18 16.25 -2.96
N SER B 140 -15.59 16.19 -1.75
CA SER B 140 -14.29 16.77 -1.50
CA SER B 140 -14.29 16.76 -1.48
C SER B 140 -13.13 15.91 -2.00
N ILE B 141 -13.39 14.65 -2.32
CA ILE B 141 -12.33 13.76 -2.80
C ILE B 141 -12.56 13.16 -4.19
N SER B 142 -13.60 13.61 -4.88
CA SER B 142 -14.05 12.99 -6.11
C SER B 142 -14.80 14.02 -6.98
N GLN B 143 -15.06 13.63 -8.21
CA GLN B 143 -15.69 14.49 -9.20
C GLN B 143 -16.38 13.64 -10.26
N PRO B 144 -17.56 14.08 -10.76
CA PRO B 144 -18.16 13.34 -11.86
C PRO B 144 -17.30 13.32 -13.13
N GLU B 145 -17.32 12.19 -13.81
CA GLU B 145 -16.47 12.00 -14.96
C GLU B 145 -16.62 13.14 -15.99
N ALA B 146 -17.86 13.53 -16.32
CA ALA B 146 -18.04 14.58 -17.32
C ALA B 146 -17.30 15.86 -16.88
N GLY B 147 -17.48 16.26 -15.62
CA GLY B 147 -16.79 17.46 -15.11
C GLY B 147 -15.27 17.31 -14.99
N TRP B 148 -14.83 16.10 -14.65
CA TRP B 148 -13.43 15.74 -14.62
C TRP B 148 -12.78 15.93 -15.98
N ARG B 149 -13.45 15.40 -17.01
CA ARG B 149 -12.93 15.53 -18.37
C ARG B 149 -12.98 16.99 -18.82
N ALA B 150 -14.04 17.72 -18.42
CA ALA B 150 -14.20 19.17 -18.77
C ALA B 150 -13.18 20.08 -18.04
N SER B 151 -12.49 19.55 -17.04
CA SER B 151 -11.46 20.28 -16.29
C SER B 151 -10.09 19.61 -16.41
N LEU B 152 -9.94 18.67 -17.33
CA LEU B 152 -8.74 17.84 -17.35
C LEU B 152 -7.53 18.68 -17.66
N LYS B 153 -6.44 18.38 -16.98
CA LYS B 153 -5.10 18.95 -17.25
C LYS B 153 -4.21 17.82 -17.76
N GLN B 154 -3.58 18.02 -18.91
CA GLN B 154 -2.71 17.00 -19.51
C GLN B 154 -1.39 17.56 -20.01
N ASP B 155 -1.03 18.71 -19.44
CA ASP B 155 0.21 19.40 -19.79
C ASP B 155 1.31 18.93 -18.84
N VAL B 156 2.55 19.19 -19.24
CA VAL B 156 3.73 18.84 -18.47
C VAL B 156 3.71 19.41 -17.05
N GLU B 157 3.36 20.69 -16.91
CA GLU B 157 3.45 21.34 -15.61
C GLU B 157 2.53 20.69 -14.58
N SER B 158 1.33 20.36 -15.01
CA SER B 158 0.30 19.75 -14.13
C SER B 158 0.74 18.36 -13.75
N ILE B 159 1.30 17.63 -14.71
CA ILE B 159 1.81 16.26 -14.46
C ILE B 159 2.95 16.32 -13.41
N ILE B 160 3.85 17.31 -13.53
CA ILE B 160 4.90 17.49 -12.52
C ILE B 160 4.29 17.84 -11.17
N GLU B 161 3.26 18.68 -11.14
CA GLU B 161 2.62 19.02 -9.86
CA GLU B 161 2.59 19.03 -9.87
C GLU B 161 2.07 17.77 -9.19
N THR B 162 1.48 16.88 -9.99
CA THR B 162 0.95 15.64 -9.43
C THR B 162 2.08 14.77 -8.86
N ALA B 163 3.21 14.70 -9.55
CA ALA B 163 4.38 13.95 -9.05
C ALA B 163 4.83 14.53 -7.70
N TYR B 164 4.94 15.86 -7.62
CA TYR B 164 5.31 16.50 -6.37
C TYR B 164 4.34 16.22 -5.22
N SER B 165 3.06 16.05 -5.56
CA SER B 165 2.02 15.72 -4.57
C SER B 165 2.18 14.33 -3.94
N MSE B 166 3.03 13.51 -4.56
CA MSE B 166 3.41 12.21 -4.04
C MSE B 166 4.73 12.13 -3.31
O MSE B 166 5.22 11.02 -3.03
CB MSE B 166 3.38 11.20 -5.20
CG MSE B 166 2.02 11.07 -5.83
SE MSE B 166 1.90 9.66 -7.14
CE MSE B 166 2.27 8.11 -6.00
N MSE B 167 5.31 13.29 -2.96
CA MSE B 167 6.62 13.36 -2.29
C MSE B 167 6.60 12.50 -1.06
O MSE B 167 5.66 12.56 -0.27
CB MSE B 167 6.94 14.82 -1.90
CG MSE B 167 8.40 15.10 -1.54
SE MSE B 167 9.51 14.88 -3.09
CE MSE B 167 8.85 16.42 -4.14
N GLY B 168 7.63 11.67 -0.92
CA GLY B 168 7.82 10.84 0.24
C GLY B 168 7.03 9.58 0.34
N ILE B 169 6.11 9.34 -0.60
CA ILE B 169 5.35 8.08 -0.63
C ILE B 169 6.32 6.91 -0.80
N PRO B 170 6.04 5.75 -0.15
CA PRO B 170 6.99 4.68 -0.26
C PRO B 170 7.17 4.08 -1.65
N TYR B 171 8.40 3.65 -1.88
CA TYR B 171 8.70 2.73 -2.96
C TYR B 171 8.09 1.39 -2.60
N LEU B 172 7.44 0.78 -3.58
CA LEU B 172 6.91 -0.58 -3.48
C LEU B 172 7.14 -1.27 -4.84
N TRP B 173 7.87 -2.38 -4.88
CA TRP B 173 8.06 -3.13 -6.12
C TRP B 173 6.72 -3.54 -6.72
N ALA B 174 6.53 -3.18 -8.00
CA ALA B 174 5.28 -3.37 -8.75
C ALA B 174 4.12 -2.44 -8.33
N GLY B 175 4.41 -1.49 -7.44
CA GLY B 175 3.41 -0.56 -6.94
C GLY B 175 2.94 0.38 -8.04
N THR B 176 1.62 0.48 -8.22
CA THR B 176 1.01 1.21 -9.31
C THR B 176 -0.22 1.99 -8.79
N SER B 177 -0.12 2.54 -7.56
CA SER B 177 -1.18 3.39 -7.01
C SER B 177 -0.58 4.41 -6.05
N SER B 178 -1.43 5.33 -5.59
CA SER B 178 -1.06 6.32 -4.58
C SER B 178 -0.55 5.68 -3.29
N LYS B 179 -0.90 4.43 -3.01
CA LYS B 179 -0.36 3.73 -1.81
C LYS B 179 1.18 3.52 -1.79
N GLY B 180 1.77 3.35 -2.98
CA GLY B 180 3.17 2.93 -3.07
C GLY B 180 3.47 2.64 -4.52
N VAL B 181 4.67 3.02 -4.96
CA VAL B 181 5.00 2.98 -6.41
C VAL B 181 6.40 2.52 -6.62
N ASP B 182 6.65 1.84 -7.75
CA ASP B 182 8.02 1.60 -8.19
C ASP B 182 8.45 2.65 -9.21
N CSA B 183 9.59 2.51 -9.88
CA CSA B 183 10.08 3.64 -10.70
CB CSA B 183 11.52 3.40 -11.17
C CSA B 183 9.14 3.95 -11.84
SG CSA B 183 11.76 2.00 -12.23
C3 CSA B 183 13.09 1.02 -11.54
C2 CSA B 183 12.77 0.22 -10.28
O4 CSA B 183 11.67 0.30 -9.76
C1 CSA B 183 13.84 -0.70 -9.72
O CSA B 183 8.71 5.08 -12.08
N SER B 184 8.78 2.90 -12.55
CA SER B 184 7.87 2.96 -13.71
C SER B 184 6.43 3.15 -13.25
N GLY B 185 6.15 2.65 -12.04
CA GLY B 185 4.84 2.77 -11.44
C GLY B 185 4.50 4.18 -10.99
N LEU B 186 5.51 4.94 -10.54
CA LEU B 186 5.32 6.34 -10.26
C LEU B 186 4.84 7.07 -11.50
N VAL B 187 5.54 6.84 -12.61
CA VAL B 187 5.16 7.41 -13.91
C VAL B 187 3.72 7.05 -14.26
N ARG B 188 3.37 5.78 -14.13
CA ARG B 188 2.01 5.36 -14.47
C ARG B 188 0.94 5.90 -13.52
N THR B 189 1.26 5.95 -12.22
CA THR B 189 0.32 6.40 -11.21
C THR B 189 -0.05 7.88 -11.43
N VAL B 190 0.97 8.68 -11.62
CA VAL B 190 0.80 10.09 -11.93
C VAL B 190 -0.02 10.26 -13.20
N LEU B 191 0.37 9.52 -14.24
CA LEU B 191 -0.26 9.73 -15.57
C LEU B 191 -1.74 9.36 -15.57
N PHE B 192 -2.11 8.31 -14.82
CA PHE B 192 -3.52 7.86 -14.78
C PHE B 192 -4.40 8.92 -14.13
N MSE B 193 -3.85 9.72 -13.20
CA MSE B 193 -4.58 10.84 -12.63
C MSE B 193 -4.82 11.96 -13.64
O MSE B 193 -5.61 12.88 -13.39
CB MSE B 193 -3.86 11.35 -11.35
CG MSE B 193 -3.92 10.32 -10.27
SE MSE B 193 -2.76 10.73 -8.76
CE MSE B 193 -3.71 12.14 -8.14
N HIS B 194 -4.16 11.87 -14.79
CA HIS B 194 -4.35 12.74 -15.93
C HIS B 194 -4.95 12.02 -17.16
N ASP B 195 -5.54 10.84 -16.92
CA ASP B 195 -6.24 10.00 -17.93
C ASP B 195 -5.38 9.26 -18.95
N ILE B 196 -4.08 9.18 -18.68
CA ILE B 196 -3.08 8.67 -19.61
CA ILE B 196 -3.08 8.67 -19.61
C ILE B 196 -2.54 7.31 -19.18
N ILE B 197 -2.44 6.43 -20.16
CA ILE B 197 -1.88 5.11 -20.01
C ILE B 197 -0.68 4.99 -20.96
N ILE B 198 0.45 4.49 -20.44
CA ILE B 198 1.62 4.13 -21.25
C ILE B 198 2.07 2.72 -20.82
N PRO B 199 3.08 2.14 -21.49
CA PRO B 199 3.46 0.76 -21.14
C PRO B 199 3.88 0.67 -19.68
N ARG B 200 3.67 -0.48 -19.07
CA ARG B 200 3.96 -0.63 -17.64
C ARG B 200 5.45 -0.67 -17.24
N ASP B 201 6.25 -1.41 -17.98
CA ASP B 201 7.65 -1.66 -17.62
CA ASP B 201 7.64 -1.62 -17.57
C ASP B 201 8.59 -0.58 -18.18
N ALA B 202 9.61 -0.21 -17.41
CA ALA B 202 10.60 0.77 -17.84
C ALA B 202 11.24 0.37 -19.15
N SER B 203 11.45 -0.94 -19.37
CA SER B 203 12.08 -1.40 -20.58
CA SER B 203 12.08 -1.41 -20.58
C SER B 203 11.24 -1.14 -21.83
N GLN B 204 9.91 -0.97 -21.68
CA GLN B 204 9.06 -0.58 -22.80
C GLN B 204 8.91 0.94 -22.85
N GLN B 205 8.85 1.60 -21.70
CA GLN B 205 8.70 3.06 -21.67
C GLN B 205 9.89 3.73 -22.37
N ALA B 206 11.05 3.07 -22.34
CA ALA B 206 12.27 3.65 -22.89
C ALA B 206 12.22 3.87 -24.41
N TYR B 207 11.26 3.23 -25.09
CA TYR B 207 11.25 3.21 -26.57
C TYR B 207 10.02 3.83 -27.20
N VAL B 208 9.20 4.47 -26.36
CA VAL B 208 8.06 5.25 -26.84
C VAL B 208 8.53 6.64 -27.32
N GLY B 209 7.65 7.32 -28.06
CA GLY B 209 7.86 8.75 -28.28
C GLY B 209 9.10 9.08 -29.07
N GLU B 210 9.72 10.21 -28.71
CA GLU B 210 10.96 10.65 -29.31
C GLU B 210 12.15 10.46 -28.36
N HIS B 211 13.17 9.72 -28.84
CA HIS B 211 14.44 9.49 -28.15
C HIS B 211 15.24 10.77 -28.16
N ILE B 212 15.67 11.18 -26.98
CA ILE B 212 16.49 12.38 -26.79
C ILE B 212 17.92 11.97 -26.40
N ASP B 213 18.84 12.21 -27.31
CA ASP B 213 20.27 12.00 -27.09
CA ASP B 213 20.27 12.01 -27.10
C ASP B 213 20.75 13.22 -26.31
N ILE B 214 20.95 13.04 -25.02
CA ILE B 214 21.16 14.16 -24.11
C ILE B 214 22.49 14.91 -24.42
N ALA B 215 22.36 16.21 -24.63
CA ALA B 215 23.51 17.10 -24.83
C ALA B 215 24.25 17.31 -23.53
N PRO B 216 25.55 17.62 -23.60
CA PRO B 216 26.31 17.74 -22.36
C PRO B 216 25.74 18.81 -21.41
N ASP B 217 25.12 19.86 -21.95
CA ASP B 217 24.50 20.89 -21.11
C ASP B 217 23.05 20.61 -20.72
N PHE B 218 22.53 19.43 -21.11
CA PHE B 218 21.14 19.03 -20.91
C PHE B 218 20.14 19.97 -21.58
N SER B 219 20.60 20.81 -22.50
CA SER B 219 19.77 21.86 -23.05
C SER B 219 18.64 21.35 -23.93
N ASN B 220 18.78 20.12 -24.47
CA ASN B 220 17.76 19.51 -25.34
C ASN B 220 16.76 18.61 -24.58
N VAL B 221 16.91 18.58 -23.24
CA VAL B 221 16.02 17.83 -22.37
C VAL B 221 15.08 18.83 -21.72
N LYS B 222 13.80 18.52 -21.76
CA LYS B 222 12.74 19.39 -21.31
C LYS B 222 11.95 18.80 -20.15
N ARG B 223 11.44 19.68 -19.29
CA ARG B 223 10.52 19.25 -18.23
C ARG B 223 9.48 18.31 -18.83
N GLY B 224 9.22 17.21 -18.14
CA GLY B 224 8.20 16.25 -18.56
C GLY B 224 8.74 15.08 -19.39
N ASP B 225 9.99 15.18 -19.88
CA ASP B 225 10.67 14.06 -20.51
C ASP B 225 10.92 13.03 -19.42
N LEU B 226 10.95 11.76 -19.80
CA LEU B 226 11.45 10.70 -18.94
C LEU B 226 12.98 10.59 -19.10
N VAL B 227 13.68 10.33 -18.01
CA VAL B 227 15.11 10.04 -18.05
C VAL B 227 15.28 8.58 -17.67
N PHE B 228 16.12 7.87 -18.45
CA PHE B 228 16.36 6.45 -18.25
C PHE B 228 17.79 6.17 -17.87
N PHE B 229 17.93 5.21 -16.95
CA PHE B 229 19.21 4.82 -16.39
C PHE B 229 19.38 3.32 -16.55
N GLY B 230 20.63 2.89 -16.65
CA GLY B 230 20.91 1.46 -16.81
C GLY B 230 22.30 1.12 -17.28
N ARG B 231 22.36 0.04 -18.03
CA ARG B 231 23.62 -0.53 -18.51
CA ARG B 231 23.59 -0.58 -18.52
C ARG B 231 23.70 -0.27 -20.01
N LYS B 232 24.80 0.36 -20.42
CA LYS B 232 25.02 0.75 -21.81
CA LYS B 232 24.95 0.74 -21.82
C LYS B 232 25.19 -0.49 -22.69
N ALA B 233 24.76 -0.40 -23.94
CA ALA B 233 24.92 -1.46 -24.88
C ALA B 233 26.43 -1.68 -25.12
N THR B 234 26.77 -2.92 -25.39
CA THR B 234 28.14 -3.29 -25.77
C THR B 234 28.14 -3.80 -27.21
N ALA B 235 29.32 -4.13 -27.74
CA ALA B 235 29.39 -4.80 -29.05
C ALA B 235 28.55 -6.09 -29.01
N GLU B 236 28.60 -6.82 -27.89
CA GLU B 236 27.93 -8.11 -27.78
C GLU B 236 26.53 -8.11 -27.18
N ARG B 237 26.09 -6.98 -26.60
CA ARG B 237 24.88 -7.03 -25.77
C ARG B 237 24.06 -5.73 -25.81
N LYS B 238 22.74 -5.86 -25.94
CA LYS B 238 21.87 -4.68 -25.99
C LYS B 238 21.82 -3.99 -24.62
N GLU B 239 21.44 -2.71 -24.63
CA GLU B 239 21.35 -1.92 -23.42
C GLU B 239 20.29 -2.50 -22.49
N GLY B 240 20.50 -2.28 -21.21
CA GLY B 240 19.56 -2.73 -20.18
C GLY B 240 18.98 -1.55 -19.46
N ILE B 241 17.66 -1.43 -19.49
CA ILE B 241 17.01 -0.30 -18.81
C ILE B 241 16.74 -0.71 -17.36
N SER B 242 17.28 0.03 -16.39
CA SER B 242 17.16 -0.32 -14.97
CA SER B 242 17.10 -0.37 -14.98
C SER B 242 16.26 0.59 -14.14
N HIS B 243 16.11 1.83 -14.59
CA HIS B 243 15.47 2.85 -13.78
C HIS B 243 14.96 3.97 -14.68
N VAL B 244 13.95 4.69 -14.18
CA VAL B 244 13.34 5.80 -14.87
C VAL B 244 12.96 6.85 -13.85
N GLY B 245 13.05 8.12 -14.27
CA GLY B 245 12.52 9.26 -13.52
C GLY B 245 11.90 10.29 -14.47
N ILE B 246 11.27 11.30 -13.89
CA ILE B 246 10.66 12.39 -14.68
C ILE B 246 11.51 13.64 -14.54
N TYR B 247 11.89 14.21 -15.68
CA TYR B 247 12.82 15.32 -15.73
C TYR B 247 12.10 16.60 -15.33
N LEU B 248 12.76 17.36 -14.47
CA LEU B 248 12.21 18.59 -13.90
C LEU B 248 12.90 19.86 -14.36
N GLY B 249 13.89 19.75 -15.25
CA GLY B 249 14.71 20.88 -15.63
C GLY B 249 15.86 21.09 -14.67
N ASN B 250 16.84 21.87 -15.10
CA ASN B 250 18.01 22.17 -14.26
C ASN B 250 18.68 20.95 -13.69
N LYS B 251 18.73 19.91 -14.51
CA LYS B 251 19.37 18.64 -14.18
C LYS B 251 18.75 17.87 -12.99
N GLN B 252 17.53 18.22 -12.61
CA GLN B 252 16.81 17.52 -11.54
C GLN B 252 15.79 16.58 -12.10
N PHE B 253 15.52 15.54 -11.33
CA PHE B 253 14.49 14.59 -11.67
C PHE B 253 13.79 14.07 -10.44
N ILE B 254 12.52 13.70 -10.61
CA ILE B 254 11.75 13.07 -9.56
C ILE B 254 11.58 11.59 -9.90
N HIS B 255 11.75 10.74 -8.88
CA HIS B 255 11.73 9.30 -9.08
C HIS B 255 11.35 8.57 -7.78
N ALA B 256 11.06 7.28 -7.91
CA ALA B 256 10.77 6.36 -6.80
C ALA B 256 11.95 5.42 -6.61
N LEU B 257 12.61 5.54 -5.46
CA LEU B 257 13.74 4.72 -5.08
C LEU B 257 13.87 4.90 -3.54
N GLY B 258 13.50 3.88 -2.77
CA GLY B 258 13.24 4.01 -1.31
C GLY B 258 11.90 4.68 -1.04
N ASP B 259 11.80 5.91 -1.53
CA ASP B 259 10.57 6.69 -1.54
C ASP B 259 10.59 7.59 -2.78
N VAL B 260 9.52 8.35 -2.96
CA VAL B 260 9.44 9.35 -4.03
C VAL B 260 10.24 10.55 -3.54
N HIS B 261 11.27 10.92 -4.29
CA HIS B 261 12.08 12.07 -3.94
C HIS B 261 12.66 12.73 -5.18
N VAL B 262 13.30 13.89 -4.99
CA VAL B 262 13.93 14.67 -6.06
C VAL B 262 15.48 14.63 -5.97
N SER B 263 16.12 14.24 -7.07
CA SER B 263 17.58 14.08 -7.15
C SER B 263 18.10 14.99 -8.25
N SER B 264 19.41 15.20 -8.26
CA SER B 264 20.11 16.00 -9.25
C SER B 264 21.17 15.19 -9.96
N MSE B 265 21.41 15.55 -11.22
CA MSE B 265 22.53 15.01 -12.00
C MSE B 265 23.70 16.00 -12.11
O MSE B 265 24.72 15.71 -12.76
CB MSE B 265 22.01 14.60 -13.40
CG MSE B 265 21.00 13.47 -13.29
SE MSE B 265 20.20 12.93 -14.95
CE MSE B 265 18.86 14.35 -15.09
N ASN B 266 23.58 17.12 -11.41
CA ASN B 266 24.69 18.10 -11.24
C ASN B 266 25.50 17.79 -9.97
N PRO B 267 26.80 17.40 -10.14
CA PRO B 267 27.64 17.03 -8.97
C PRO B 267 27.75 18.08 -7.87
N ALA B 268 27.50 19.33 -8.21
CA ALA B 268 27.57 20.43 -7.27
C ALA B 268 26.36 20.50 -6.33
N ASP B 269 25.24 19.92 -6.75
CA ASP B 269 24.00 20.01 -5.98
C ASP B 269 24.03 19.07 -4.76
N GLN B 270 23.42 19.50 -3.66
CA GLN B 270 23.42 18.68 -2.44
C GLN B 270 22.62 17.38 -2.61
N ASN B 271 21.64 17.39 -3.51
CA ASN B 271 20.81 16.20 -3.82
C ASN B 271 21.29 15.42 -5.05
N TYR B 272 22.56 15.64 -5.41
CA TYR B 272 23.23 14.86 -6.46
C TYR B 272 23.10 13.39 -6.19
N ASP B 273 22.70 12.64 -7.20
CA ASP B 273 22.59 11.17 -7.14
C ASP B 273 23.69 10.60 -8.06
N GLU B 274 24.82 10.23 -7.47
CA GLU B 274 25.98 9.82 -8.26
C GLU B 274 25.76 8.50 -8.94
N PHE B 275 25.21 7.54 -8.22
CA PHE B 275 24.98 6.18 -8.75
C PHE B 275 24.16 6.22 -10.03
N ASN B 276 23.01 6.88 -9.97
CA ASN B 276 22.17 6.98 -11.14
C ASN B 276 22.75 7.89 -12.19
N THR B 277 23.33 9.04 -11.80
CA THR B 277 23.90 9.94 -12.81
C THR B 277 24.93 9.20 -13.70
N LYS B 278 25.77 8.40 -13.07
CA LYS B 278 26.77 7.63 -13.80
C LYS B 278 26.20 6.60 -14.77
N ARG B 279 24.95 6.20 -14.55
CA ARG B 279 24.24 5.22 -15.33
C ARG B 279 23.22 5.85 -16.28
N LEU B 280 23.25 7.17 -16.45
CA LEU B 280 22.31 7.86 -17.31
C LEU B 280 22.50 7.35 -18.72
N LEU B 281 21.41 7.01 -19.38
CA LEU B 281 21.46 6.54 -20.75
C LEU B 281 20.93 7.58 -21.73
N PHE B 282 19.70 8.01 -21.57
CA PHE B 282 19.05 8.95 -22.49
C PHE B 282 17.72 9.45 -21.93
N ALA B 283 17.07 10.37 -22.64
CA ALA B 283 15.73 10.85 -22.24
C ALA B 283 14.74 10.53 -23.35
N VAL B 284 13.44 10.59 -23.02
CA VAL B 284 12.38 10.30 -23.97
C VAL B 284 11.30 11.38 -23.80
N ARG B 285 10.90 11.98 -24.93
CA ARG B 285 9.78 12.92 -24.96
C ARG B 285 8.55 12.15 -25.43
N PHE B 286 7.64 11.89 -24.52
CA PHE B 286 6.49 11.00 -24.78
C PHE B 286 5.13 11.71 -24.88
N LEU B 287 4.94 12.83 -24.16
CA LEU B 287 3.61 13.43 -24.03
CA LEU B 287 3.61 13.41 -24.04
C LEU B 287 2.99 13.85 -25.37
N PRO B 288 3.81 14.32 -26.33
CA PRO B 288 3.21 14.69 -27.63
C PRO B 288 2.58 13.51 -28.39
N TYR B 289 2.88 12.28 -27.97
CA TYR B 289 2.57 11.07 -28.75
C TYR B 289 1.51 10.17 -28.08
N ILE B 290 0.83 10.70 -27.08
CA ILE B 290 -0.30 10.01 -26.51
C ILE B 290 -1.37 9.91 -27.61
N ASN B 291 -1.94 8.70 -27.76
CA ASN B 291 -2.94 8.35 -28.78
C ASN B 291 -2.34 8.31 -30.20
N LYS B 292 -1.01 8.27 -30.29
CA LYS B 292 -0.33 8.18 -31.59
C LYS B 292 0.57 6.95 -31.73
N GLU B 293 0.52 6.06 -30.75
CA GLU B 293 1.21 4.79 -30.81
C GLU B 293 0.51 3.75 -29.97
N LYS B 294 0.54 2.52 -30.48
CA LYS B 294 -0.03 1.39 -29.81
C LYS B 294 0.54 1.35 -28.40
N GLY B 295 -0.34 1.33 -27.41
CA GLY B 295 0.11 1.21 -26.02
C GLY B 295 0.30 2.53 -25.27
N MSE B 296 0.13 3.67 -25.95
CA MSE B 296 0.02 4.99 -25.27
C MSE B 296 -1.29 5.65 -25.66
O MSE B 296 -1.54 5.92 -26.85
CB MSE B 296 1.17 5.93 -25.61
CG MSE B 296 2.55 5.46 -25.14
SE MSE B 296 3.68 6.96 -24.70
CE MSE B 296 3.82 7.90 -26.43
N ASN B 297 -2.16 5.92 -24.68
CA ASN B 297 -3.51 6.38 -24.99
C ASN B 297 -4.17 7.01 -23.76
N THR B 298 -5.37 7.55 -23.98
CA THR B 298 -6.18 8.06 -22.88
C THR B 298 -7.41 7.16 -22.77
N THR B 299 -8.06 7.18 -21.60
CA THR B 299 -9.16 6.23 -21.37
C THR B 299 -10.41 6.51 -22.22
N ASN B 300 -10.53 7.70 -22.80
CA ASN B 300 -11.61 7.96 -23.77
C ASN B 300 -11.37 7.33 -25.16
N LYS B 301 -10.13 6.92 -25.41
CA LYS B 301 -9.79 6.24 -26.66
C LYS B 301 -9.41 4.76 -26.51
N ASN B 302 -9.04 4.36 -25.32
CA ASN B 302 -8.51 3.03 -25.10
C ASN B 302 -9.61 1.99 -25.32
N PRO B 303 -9.34 0.94 -26.11
CA PRO B 303 -10.41 0.01 -26.52
C PRO B 303 -11.00 -0.80 -25.37
N PHE B 304 -10.27 -0.91 -24.25
CA PHE B 304 -10.79 -1.63 -23.09
C PHE B 304 -12.02 -0.92 -22.51
N TYR B 305 -12.09 0.40 -22.73
CA TYR B 305 -13.08 1.28 -22.16
C TYR B 305 -14.24 1.61 -23.10
N GLN B 306 -14.12 1.16 -24.35
CA GLN B 306 -15.02 1.51 -25.44
C GLN B 306 -15.71 0.25 -25.93
CL CL C . 9.69 -2.87 -2.11
C1 GOL D . 5.07 -13.98 5.63
O1 GOL D . 5.00 -13.49 6.95
C2 GOL D . 3.67 -14.39 5.27
O2 GOL D . 3.38 -15.59 6.00
C3 GOL D . 2.84 -13.14 5.63
O3 GOL D . 2.14 -13.22 6.85
C1 GOL E . -19.32 -1.36 14.45
O1 GOL E . -18.60 -0.21 14.85
C2 GOL E . -19.44 -2.38 15.59
O2 GOL E . -18.16 -2.81 15.97
C3 GOL E . -20.31 -3.57 15.15
O3 GOL E . -19.96 -4.75 15.84
C1 GOL F . -1.36 -17.94 28.55
O1 GOL F . -0.55 -16.99 29.23
C2 GOL F . -1.83 -19.09 29.45
O2 GOL F . -1.81 -18.72 30.82
C3 GOL F . -3.24 -19.52 29.10
O3 GOL F . -3.31 -20.93 29.10
C1 GOL G . 10.81 -8.50 21.74
O1 GOL G . 12.05 -9.16 21.89
C2 GOL G . 9.74 -9.12 22.64
O2 GOL G . 10.34 -9.53 23.84
C3 GOL G . 9.01 -10.28 21.96
O3 GOL G . 9.47 -11.54 22.35
C1 GOL H . 25.60 1.55 3.97
O1 GOL H . 26.08 2.41 2.94
C2 GOL H . 26.70 1.17 4.98
O2 GOL H . 27.81 0.62 4.32
C3 GOL H . 26.17 0.15 5.99
O3 GOL H . 25.49 0.77 7.06
CL CL I . -1.92 -10.12 -2.71
C1 GOL J . 7.51 -4.03 -11.78
C1 GOL J . 7.10 -3.27 -12.42
O1 GOL J . 7.35 -2.96 -12.70
O1 GOL J . 8.15 -2.35 -12.54
C2 GOL J . 7.91 -5.29 -12.53
C2 GOL J . 7.53 -4.55 -13.10
O2 GOL J . 9.17 -5.14 -13.15
O2 GOL J . 6.71 -4.77 -14.24
C3 GOL J . 6.86 -5.60 -13.57
C3 GOL J . 7.41 -5.69 -12.11
O3 GOL J . 6.16 -4.43 -13.92
O3 GOL J . 6.80 -6.76 -12.77
C1 GOL K . 3.70 -8.77 -19.58
O1 GOL K . 2.39 -8.70 -20.08
C2 GOL K . 3.74 -9.56 -18.27
O2 GOL K . 5.08 -9.77 -17.89
C3 GOL K . 3.09 -10.93 -18.41
O3 GOL K . 3.57 -11.59 -19.57
C1 GOL L . 18.61 -1.42 -30.78
O1 GOL L . 18.50 -1.00 -32.13
C2 GOL L . 17.59 -0.64 -29.95
O2 GOL L . 17.61 0.71 -30.42
C3 GOL L . 17.88 -0.74 -28.45
O3 GOL L . 17.84 -2.07 -27.94
C1 GOL M . 24.87 12.69 -21.66
O1 GOL M . 24.86 11.44 -21.03
C2 GOL M . 25.88 13.60 -21.01
O2 GOL M . 26.53 14.39 -21.97
C3 GOL M . 25.19 14.51 -20.01
O3 GOL M . 26.11 14.56 -18.95
C1 GOL N . -5.30 16.07 -11.38
O1 GOL N . -4.48 16.83 -10.53
C2 GOL N . -5.70 17.02 -12.48
O2 GOL N . -6.47 18.06 -11.94
C3 GOL N . -6.41 16.26 -13.57
O3 GOL N . -7.10 17.15 -14.44
C1 GOL O . -3.69 15.84 -8.22
O1 GOL O . -2.58 16.45 -8.85
C2 GOL O . -3.42 15.92 -6.74
O2 GOL O . -2.21 15.25 -6.55
C3 GOL O . -4.54 15.31 -5.91
O3 GOL O . -4.38 15.68 -4.56
#